data_2C67
#
_entry.id   2C67
#
_cell.length_a   131.272
_cell.length_b   222.452
_cell.length_c   86.225
_cell.angle_alpha   90.00
_cell.angle_beta   90.00
_cell.angle_gamma   90.00
#
_symmetry.space_group_name_H-M   'C 2 2 2'
#
loop_
_entity.id
_entity.type
_entity.pdbx_description
1 polymer 'AMINE OXIDASE (FLAVIN-CONTAINING) B'
2 non-polymer 'FLAVIN-ADENINE DINUCLEOTIDE'
3 non-polymer N-METHYL-1(R)-AMINOINDAN
4 water water
#
_entity_poly.entity_id   1
_entity_poly.type   'polypeptide(L)'
_entity_poly.pdbx_seq_one_letter_code
;MSNKCDVVVVGGGISGMAAAKLLHDSGLNVVVLEARDRVGGRTYTLRNQKVKYVDLGGSYVGPTQNRILRLAKELGLETY
KVNEVERLIHHVKGKSYPFRGPFPPVWNPITYLDHNNFWRTMDDMGREIPSDAPWKAPLAEEWDNMTMKELLDKLCWTES
AKQLATLFVNLCVTAETHEVSALWFLWYVKQCGGTTRIISTTNGGQERKFVGGSGQVSERIMDLLGDRVKLERPVIYIDQ
TRENVLVETLNHEMYEAKYVISAIPPTLGMKIHFNPPLPMMRNQMITRVPLGSVIKCIVYYKEPFWRKKDYCGTMIIDGE
EAPVAYTLDDTKPEGNYAAIMGFILAHKARKLARLTKEERLKKLCELYAKVLGSLEALEPVHYEEKNWCEEQYSGGCYTT
YFPPGILTQYGRVLRQPVDRIYFAGTETATHWSGYMEGAVEAGERAAREILHAMGKIPEDEIWQSEPESVDVPAQPITTT
FLERHLPSVPGLLRLIGLTTIFSATALGFLAHKRGLLVRV
;
_entity_poly.pdbx_strand_id   A,B
#
# COMPACT_ATOMS: atom_id res chain seq x y z
N ASN A 3 17.50 25.45 -17.14
CA ASN A 3 16.37 26.27 -16.62
C ASN A 3 15.10 26.11 -17.45
N LYS A 4 15.01 26.74 -18.62
CA LYS A 4 13.76 26.80 -19.38
C LYS A 4 13.69 25.87 -20.59
N CYS A 5 12.57 25.13 -20.69
CA CYS A 5 12.35 24.18 -21.78
C CYS A 5 10.85 23.97 -22.04
N ASP A 6 10.54 23.11 -23.00
CA ASP A 6 9.15 22.80 -23.32
C ASP A 6 8.58 21.75 -22.38
N VAL A 7 9.32 20.66 -22.17
CA VAL A 7 8.87 19.56 -21.33
C VAL A 7 9.99 19.06 -20.42
N VAL A 8 9.69 18.95 -19.12
CA VAL A 8 10.56 18.29 -18.16
C VAL A 8 10.05 16.86 -18.00
N VAL A 9 10.95 15.88 -18.19
CA VAL A 9 10.64 14.48 -17.96
C VAL A 9 11.30 14.09 -16.65
N VAL A 10 10.50 13.66 -15.68
CA VAL A 10 11.00 13.23 -14.38
C VAL A 10 11.24 11.73 -14.45
N GLY A 11 12.51 11.33 -14.45
CA GLY A 11 12.86 9.92 -14.52
C GLY A 11 13.46 9.53 -15.86
N GLY A 12 14.66 8.99 -15.81
CA GLY A 12 15.39 8.55 -16.99
C GLY A 12 15.50 7.04 -17.12
N GLY A 13 14.43 6.34 -16.77
CA GLY A 13 14.27 4.93 -17.15
C GLY A 13 13.85 4.85 -18.60
N ILE A 14 13.56 3.64 -19.07
CA ILE A 14 13.15 3.46 -20.46
C ILE A 14 11.94 4.32 -20.82
N SER A 15 10.97 4.41 -19.92
CA SER A 15 9.76 5.17 -20.22
C SER A 15 10.04 6.66 -20.40
N GLY A 16 10.77 7.25 -19.44
CA GLY A 16 11.14 8.66 -19.53
C GLY A 16 12.00 8.94 -20.75
N MET A 17 12.94 8.04 -21.03
CA MET A 17 13.83 8.21 -22.17
C MET A 17 13.09 8.09 -23.50
N ALA A 18 12.15 7.15 -23.59
CA ALA A 18 11.31 7.01 -24.78
C ALA A 18 10.45 8.25 -24.99
N ALA A 19 9.90 8.80 -23.90
CA ALA A 19 9.09 10.01 -23.97
C ALA A 19 9.94 11.18 -24.44
N ALA A 20 11.11 11.32 -23.83
CA ALA A 20 12.02 12.42 -24.16
C ALA A 20 12.47 12.34 -25.61
N LYS A 21 12.81 11.14 -26.08
CA LYS A 21 13.23 10.95 -27.46
C LYS A 21 12.15 11.36 -28.44
N LEU A 22 10.91 10.93 -28.20
CA LEU A 22 9.80 11.26 -29.09
C LEU A 22 9.61 12.79 -29.17
N LEU A 23 9.59 13.43 -28.00
CA LEU A 23 9.41 14.89 -27.94
C LEU A 23 10.57 15.62 -28.62
N HIS A 24 11.80 15.15 -28.35
CA HIS A 24 13.01 15.70 -28.98
C HIS A 24 12.94 15.58 -30.50
N ASP A 25 12.59 14.39 -30.98
CA ASP A 25 12.45 14.14 -32.42
C ASP A 25 11.36 14.99 -33.06
N SER A 26 10.39 15.40 -32.25
CA SER A 26 9.29 16.23 -32.73
C SER A 26 9.66 17.72 -32.76
N GLY A 27 10.85 18.06 -32.27
CA GLY A 27 11.36 19.42 -32.31
C GLY A 27 11.19 20.23 -31.04
N LEU A 28 10.76 19.58 -29.97
CA LEU A 28 10.61 20.24 -28.68
C LEU A 28 11.91 20.21 -27.88
N ASN A 29 12.07 21.20 -27.00
CA ASN A 29 13.20 21.26 -26.08
C ASN A 29 12.85 20.51 -24.80
N VAL A 30 13.53 19.38 -24.60
CA VAL A 30 13.25 18.53 -23.44
C VAL A 30 14.43 18.48 -22.49
N VAL A 31 14.12 18.26 -21.21
CA VAL A 31 15.14 17.99 -20.21
C VAL A 31 14.67 16.75 -19.46
N VAL A 32 15.61 15.84 -19.17
CA VAL A 32 15.33 14.66 -18.36
C VAL A 32 16.02 14.85 -17.02
N LEU A 33 15.24 14.81 -15.95
CA LEU A 33 15.80 14.93 -14.60
C LEU A 33 15.82 13.55 -13.97
N GLU A 34 17.03 13.02 -13.76
CA GLU A 34 17.20 11.66 -13.25
C GLU A 34 17.85 11.67 -11.87
N ALA A 35 17.20 11.01 -10.90
CA ALA A 35 17.68 10.99 -9.52
C ALA A 35 19.05 10.34 -9.34
N ARG A 36 19.30 9.29 -10.10
CA ARG A 36 20.52 8.49 -9.91
C ARG A 36 21.69 9.05 -10.73
N ASP A 37 22.87 8.50 -10.48
CA ASP A 37 24.05 8.82 -11.27
C ASP A 37 24.13 8.04 -12.59
N ARG A 38 23.01 7.41 -12.96
CA ARG A 38 22.91 6.61 -14.18
C ARG A 38 21.49 6.68 -14.72
N VAL A 39 21.34 6.43 -16.02
CA VAL A 39 20.02 6.18 -16.58
C VAL A 39 19.69 4.68 -16.57
N GLY A 40 18.44 4.34 -16.84
CA GLY A 40 18.04 2.93 -16.97
C GLY A 40 17.05 2.45 -15.92
N GLY A 41 17.11 3.04 -14.72
CA GLY A 41 16.18 2.73 -13.63
C GLY A 41 16.13 1.28 -13.25
N ARG A 42 15.00 0.63 -13.55
CA ARG A 42 14.79 -0.78 -13.23
C ARG A 42 15.51 -1.72 -14.21
N THR A 43 16.14 -1.13 -15.23
CA THR A 43 17.15 -1.84 -16.01
C THR A 43 18.52 -1.35 -15.58
N TYR A 44 19.47 -2.28 -15.52
CA TYR A 44 20.83 -1.99 -15.12
C TYR A 44 21.74 -3.09 -15.64
N THR A 45 22.65 -2.71 -16.54
CA THR A 45 23.60 -3.65 -17.11
C THR A 45 24.96 -3.38 -16.49
N LEU A 46 25.41 -4.34 -15.67
CA LEU A 46 26.73 -4.27 -15.08
C LEU A 46 27.76 -4.77 -16.08
N ARG A 47 28.88 -4.05 -16.19
CA ARG A 47 30.01 -4.52 -17.00
C ARG A 47 31.25 -4.68 -16.15
N ASN A 48 31.85 -5.86 -16.21
CA ASN A 48 33.18 -6.11 -15.66
C ASN A 48 33.84 -7.26 -16.41
N GLN A 49 35.11 -7.52 -16.10
CA GLN A 49 35.89 -8.52 -16.81
C GLN A 49 35.35 -9.93 -16.67
N LYS A 50 34.80 -10.22 -15.48
CA LYS A 50 34.35 -11.58 -15.16
C LYS A 50 33.08 -11.99 -15.86
N VAL A 51 32.22 -11.01 -16.15
CA VAL A 51 30.91 -11.30 -16.75
C VAL A 51 30.75 -10.76 -18.18
N LYS A 52 31.68 -9.88 -18.56
CA LYS A 52 31.56 -9.02 -19.75
C LYS A 52 30.43 -8.00 -19.53
N TYR A 53 29.18 -8.46 -19.63
CA TYR A 53 28.01 -7.66 -19.25
C TYR A 53 26.98 -8.59 -18.63
N VAL A 54 26.15 -8.04 -17.74
CA VAL A 54 25.02 -8.80 -17.19
C VAL A 54 23.89 -7.86 -16.81
N ASP A 55 22.69 -8.20 -17.25
CA ASP A 55 21.49 -7.49 -16.81
C ASP A 55 21.15 -7.89 -15.38
N LEU A 56 21.18 -6.92 -14.48
CA LEU A 56 20.80 -7.14 -13.09
C LEU A 56 19.37 -6.70 -12.82
N GLY A 57 18.80 -5.97 -13.77
CA GLY A 57 17.38 -5.60 -13.74
C GLY A 57 16.65 -6.22 -14.94
N GLY A 58 15.71 -5.47 -15.50
CA GLY A 58 14.94 -5.98 -16.65
C GLY A 58 15.84 -6.47 -17.76
N SER A 59 15.47 -7.61 -18.38
CA SER A 59 16.35 -8.25 -19.36
C SER A 59 15.60 -8.84 -20.55
N TYR A 60 14.51 -9.56 -20.30
CA TYR A 60 13.87 -10.35 -21.34
C TYR A 60 12.90 -9.57 -22.20
N VAL A 61 12.93 -9.87 -23.49
CA VAL A 61 11.94 -9.38 -24.43
C VAL A 61 11.44 -10.56 -25.25
N GLY A 62 10.29 -10.42 -25.88
CA GLY A 62 9.77 -11.51 -26.69
C GLY A 62 8.68 -11.10 -27.63
N PRO A 63 8.15 -12.07 -28.39
CA PRO A 63 7.11 -11.80 -29.38
C PRO A 63 5.92 -11.05 -28.77
N THR A 64 5.38 -10.12 -29.56
CA THR A 64 4.29 -9.17 -29.22
C THR A 64 4.75 -7.92 -28.45
N GLN A 65 6.03 -7.88 -28.07
CA GLN A 65 6.58 -6.67 -27.45
C GLN A 65 7.24 -5.81 -28.53
N ASN A 66 6.41 -5.31 -29.44
CA ASN A 66 6.95 -4.71 -30.66
C ASN A 66 7.55 -3.33 -30.49
N ARG A 67 7.09 -2.61 -29.47
CA ARG A 67 7.60 -1.24 -29.23
C ARG A 67 9.03 -1.24 -28.73
N ILE A 68 9.33 -2.02 -27.70
CA ILE A 68 10.71 -2.13 -27.20
C ILE A 68 11.63 -2.69 -28.28
N LEU A 69 11.14 -3.66 -29.05
CA LEU A 69 11.95 -4.24 -30.12
C LEU A 69 12.29 -3.19 -31.19
N ARG A 70 11.30 -2.36 -31.52
CA ARG A 70 11.47 -1.32 -32.55
C ARG A 70 12.42 -0.22 -32.05
N LEU A 71 12.21 0.22 -30.81
CA LEU A 71 13.08 1.23 -30.23
C LEU A 71 14.52 0.76 -30.15
N ALA A 72 14.73 -0.46 -29.65
CA ALA A 72 16.06 -1.01 -29.50
C ALA A 72 16.74 -1.19 -30.87
N LYS A 73 15.97 -1.63 -31.86
CA LYS A 73 16.51 -1.84 -33.20
C LYS A 73 16.98 -0.50 -33.80
N GLU A 74 16.16 0.53 -33.62
CA GLU A 74 16.51 1.86 -34.11
C GLU A 74 17.80 2.36 -33.46
N LEU A 75 18.01 1.99 -32.20
CA LEU A 75 19.23 2.39 -31.48
C LEU A 75 20.44 1.53 -31.81
N GLY A 76 20.26 0.54 -32.68
CA GLY A 76 21.35 -0.30 -33.15
C GLY A 76 21.60 -1.56 -32.33
N LEU A 77 20.59 -1.96 -31.57
CA LEU A 77 20.72 -3.13 -30.71
C LEU A 77 20.19 -4.38 -31.41
N GLU A 78 20.67 -5.54 -30.96
CA GLU A 78 20.22 -6.82 -31.49
C GLU A 78 19.83 -7.72 -30.32
N THR A 79 18.99 -8.72 -30.61
CA THR A 79 18.62 -9.71 -29.60
C THR A 79 19.25 -11.07 -29.89
N TYR A 80 19.25 -11.93 -28.88
CA TYR A 80 19.56 -13.34 -29.09
C TYR A 80 18.58 -14.17 -28.27
N LYS A 81 18.45 -15.44 -28.61
CA LYS A 81 17.47 -16.31 -27.97
C LYS A 81 18.03 -16.93 -26.70
N VAL A 82 17.23 -16.85 -25.63
CA VAL A 82 17.53 -17.53 -24.36
C VAL A 82 17.53 -19.02 -24.65
N ASN A 83 18.49 -19.75 -24.06
CA ASN A 83 18.61 -21.17 -24.36
C ASN A 83 17.43 -22.00 -23.86
N GLU A 84 16.71 -22.61 -24.80
CA GLU A 84 15.66 -23.56 -24.44
C GLU A 84 15.71 -24.80 -25.33
N VAL A 85 16.93 -25.17 -25.74
CA VAL A 85 17.11 -26.30 -26.65
C VAL A 85 16.84 -27.62 -25.92
N GLU A 86 17.42 -27.77 -24.74
CA GLU A 86 17.33 -29.02 -24.00
C GLU A 86 16.13 -29.01 -23.04
N ARG A 87 16.08 -29.96 -22.12
CA ARG A 87 14.86 -30.15 -21.32
C ARG A 87 14.77 -29.15 -20.17
N LEU A 88 13.54 -28.75 -19.87
CA LEU A 88 13.25 -27.93 -18.70
C LEU A 88 13.13 -28.86 -17.50
N ILE A 89 13.21 -28.32 -16.29
CA ILE A 89 13.05 -29.15 -15.09
C ILE A 89 11.97 -28.58 -14.19
N HIS A 90 11.06 -29.44 -13.74
CA HIS A 90 10.15 -29.10 -12.67
C HIS A 90 10.57 -29.91 -11.44
N HIS A 91 10.94 -29.19 -10.38
CA HIS A 91 11.41 -29.80 -9.15
C HIS A 91 10.32 -29.64 -8.12
N VAL A 92 9.78 -30.76 -7.66
CA VAL A 92 8.67 -30.73 -6.72
C VAL A 92 8.82 -31.88 -5.72
N LYS A 93 8.57 -31.57 -4.45
CA LYS A 93 8.70 -32.54 -3.35
C LYS A 93 10.10 -33.19 -3.34
N GLY A 94 11.11 -32.37 -3.61
CA GLY A 94 12.49 -32.79 -3.53
C GLY A 94 13.04 -33.61 -4.67
N LYS A 95 12.27 -33.72 -5.76
CA LYS A 95 12.65 -34.56 -6.91
C LYS A 95 12.51 -33.75 -8.20
N SER A 96 13.40 -34.01 -9.17
CA SER A 96 13.38 -33.31 -10.46
C SER A 96 12.72 -34.15 -11.53
N TYR A 97 11.85 -33.49 -12.32
CA TYR A 97 11.12 -34.12 -13.41
C TYR A 97 11.35 -33.32 -14.69
N PRO A 98 12.25 -33.79 -15.56
CA PRO A 98 12.52 -33.09 -16.82
C PRO A 98 11.34 -33.17 -17.77
N PHE A 99 11.20 -32.15 -18.62
CA PHE A 99 10.09 -32.07 -19.57
C PHE A 99 10.39 -31.10 -20.70
N ARG A 100 9.46 -31.02 -21.65
CA ARG A 100 9.52 -30.09 -22.78
C ARG A 100 8.19 -29.37 -22.97
N GLY A 101 8.25 -28.15 -23.52
CA GLY A 101 7.07 -27.32 -23.69
C GLY A 101 6.97 -26.33 -22.55
N PRO A 102 6.09 -25.33 -22.68
CA PRO A 102 5.98 -24.31 -21.62
C PRO A 102 5.53 -24.85 -20.26
N PHE A 103 4.76 -25.95 -20.29
CA PHE A 103 4.12 -26.50 -19.09
C PHE A 103 4.66 -27.88 -18.68
N PRO A 104 4.94 -28.08 -17.38
CA PRO A 104 5.27 -29.41 -16.86
C PRO A 104 4.09 -30.37 -17.07
N PRO A 105 4.35 -31.60 -17.56
CA PRO A 105 3.26 -32.54 -17.79
C PRO A 105 2.62 -33.02 -16.49
N VAL A 106 1.32 -33.27 -16.54
CA VAL A 106 0.55 -33.76 -15.39
C VAL A 106 -0.10 -35.07 -15.80
N TRP A 107 0.24 -36.13 -15.08
CA TRP A 107 -0.20 -37.49 -15.44
C TRP A 107 -1.48 -37.94 -14.76
N ASN A 108 -1.62 -37.65 -13.47
CA ASN A 108 -2.82 -38.00 -12.74
C ASN A 108 -4.04 -37.35 -13.42
N PRO A 109 -5.02 -38.18 -13.84
CA PRO A 109 -6.22 -37.70 -14.51
C PRO A 109 -6.97 -36.59 -13.75
N ILE A 110 -7.11 -36.72 -12.43
CA ILE A 110 -7.81 -35.70 -11.61
C ILE A 110 -7.01 -34.41 -11.54
N THR A 111 -5.72 -34.55 -11.22
CA THR A 111 -4.79 -33.43 -11.14
C THR A 111 -4.68 -32.75 -12.50
N TYR A 112 -4.68 -33.57 -13.56
CA TYR A 112 -4.65 -33.03 -14.91
C TYR A 112 -5.86 -32.14 -15.20
N LEU A 113 -7.06 -32.60 -14.86
CA LEU A 113 -8.27 -31.80 -15.03
C LEU A 113 -8.18 -30.48 -14.27
N ASP A 114 -7.64 -30.55 -13.05
CA ASP A 114 -7.53 -29.39 -12.19
C ASP A 114 -6.55 -28.35 -12.77
N HIS A 115 -5.37 -28.80 -13.17
CA HIS A 115 -4.37 -27.92 -13.80
C HIS A 115 -4.94 -27.31 -15.08
N ASN A 116 -5.52 -28.14 -15.93
CA ASN A 116 -6.07 -27.67 -17.19
C ASN A 116 -7.10 -26.59 -16.94
N ASN A 117 -7.99 -26.83 -15.99
CA ASN A 117 -9.04 -25.88 -15.63
C ASN A 117 -8.49 -24.59 -15.07
N PHE A 118 -7.46 -24.68 -14.23
CA PHE A 118 -6.94 -23.47 -13.59
C PHE A 118 -6.47 -22.45 -14.63
N TRP A 119 -5.57 -22.86 -15.52
CA TRP A 119 -5.02 -21.96 -16.54
C TRP A 119 -6.10 -21.45 -17.48
N ARG A 120 -6.98 -22.35 -17.89
CA ARG A 120 -8.10 -22.02 -18.75
C ARG A 120 -8.96 -20.94 -18.11
N THR A 121 -9.27 -21.12 -16.82
CA THR A 121 -10.12 -20.19 -16.08
C THR A 121 -9.44 -18.83 -15.92
N MET A 122 -8.13 -18.83 -15.68
CA MET A 122 -7.38 -17.59 -15.60
C MET A 122 -7.57 -16.77 -16.88
N ASP A 123 -7.45 -17.43 -18.02
CA ASP A 123 -7.59 -16.75 -19.30
C ASP A 123 -9.05 -16.40 -19.58
N ASP A 124 -9.97 -17.28 -19.19
CA ASP A 124 -11.42 -17.02 -19.32
C ASP A 124 -11.79 -15.71 -18.61
N MET A 125 -11.37 -15.62 -17.35
CA MET A 125 -11.63 -14.43 -16.54
C MET A 125 -10.98 -13.20 -17.16
N GLY A 126 -9.75 -13.37 -17.64
CA GLY A 126 -9.02 -12.27 -18.30
C GLY A 126 -9.78 -11.66 -19.47
N ARG A 127 -10.47 -12.49 -20.25
CA ARG A 127 -11.23 -12.00 -21.41
C ARG A 127 -12.35 -11.04 -21.04
N GLU A 128 -12.77 -11.07 -19.78
CA GLU A 128 -13.81 -10.17 -19.30
C GLU A 128 -13.25 -8.82 -18.82
N ILE A 129 -11.92 -8.68 -18.85
CA ILE A 129 -11.23 -7.50 -18.26
C ILE A 129 -10.65 -6.62 -19.35
N PRO A 130 -11.23 -5.41 -19.55
CA PRO A 130 -10.65 -4.51 -20.56
C PRO A 130 -9.23 -4.10 -20.20
N SER A 131 -8.30 -4.23 -21.14
CA SER A 131 -6.89 -3.89 -20.88
C SER A 131 -6.70 -2.44 -20.45
N ASP A 132 -7.49 -1.54 -21.03
CA ASP A 132 -7.34 -0.11 -20.76
C ASP A 132 -8.24 0.38 -19.62
N ALA A 133 -9.02 -0.52 -19.02
CA ALA A 133 -9.95 -0.16 -17.97
C ALA A 133 -10.40 -1.39 -17.17
N PRO A 134 -9.46 -2.04 -16.46
CA PRO A 134 -9.83 -3.28 -15.74
C PRO A 134 -11.00 -3.12 -14.76
N TRP A 135 -11.18 -1.92 -14.23
CA TRP A 135 -12.27 -1.61 -13.31
C TRP A 135 -13.64 -1.67 -13.98
N LYS A 136 -13.66 -1.80 -15.31
CA LYS A 136 -14.91 -1.94 -16.07
C LYS A 136 -15.33 -3.39 -16.28
N ALA A 137 -14.52 -4.34 -15.79
CA ALA A 137 -14.92 -5.74 -15.85
C ALA A 137 -16.29 -5.89 -15.18
N PRO A 138 -17.17 -6.74 -15.75
CA PRO A 138 -18.51 -6.91 -15.17
C PRO A 138 -18.49 -7.26 -13.68
N LEU A 139 -17.53 -8.08 -13.26
CA LEU A 139 -17.41 -8.49 -11.86
C LEU A 139 -16.19 -7.85 -11.21
N ALA A 140 -15.85 -6.64 -11.65
CA ALA A 140 -14.65 -5.94 -11.15
C ALA A 140 -14.59 -5.89 -9.63
N GLU A 141 -15.67 -5.45 -9.00
CA GLU A 141 -15.68 -5.28 -7.55
C GLU A 141 -15.50 -6.61 -6.83
N GLU A 142 -16.29 -7.61 -7.23
CA GLU A 142 -16.19 -8.96 -6.70
C GLU A 142 -14.77 -9.51 -6.80
N TRP A 143 -14.17 -9.40 -7.98
CA TRP A 143 -12.81 -9.89 -8.17
C TRP A 143 -11.73 -9.06 -7.47
N ASP A 144 -11.95 -7.75 -7.36
CA ASP A 144 -10.97 -6.86 -6.72
C ASP A 144 -10.95 -7.01 -5.20
N ASN A 145 -12.07 -7.49 -4.65
CA ASN A 145 -12.24 -7.61 -3.21
C ASN A 145 -11.72 -8.92 -2.64
N MET A 146 -11.14 -9.76 -3.50
CA MET A 146 -10.53 -10.99 -3.04
C MET A 146 -9.06 -11.01 -3.46
N THR A 147 -8.22 -11.68 -2.67
CA THR A 147 -6.82 -11.84 -3.04
C THR A 147 -6.68 -13.00 -4.03
N MET A 148 -5.55 -13.07 -4.70
CA MET A 148 -5.25 -14.24 -5.52
C MET A 148 -5.25 -15.54 -4.70
N LYS A 149 -4.88 -15.44 -3.42
CA LYS A 149 -4.90 -16.62 -2.53
C LYS A 149 -6.32 -17.17 -2.44
N GLU A 150 -7.29 -16.29 -2.20
CA GLU A 150 -8.70 -16.71 -2.10
C GLU A 150 -9.18 -17.33 -3.39
N LEU A 151 -8.77 -16.75 -4.52
CA LEU A 151 -9.18 -17.27 -5.82
C LEU A 151 -8.59 -18.64 -6.07
N LEU A 152 -7.30 -18.81 -5.77
CA LEU A 152 -6.67 -20.13 -5.88
C LEU A 152 -7.35 -21.16 -4.98
N ASP A 153 -7.68 -20.77 -3.75
CA ASP A 153 -8.36 -21.65 -2.81
C ASP A 153 -9.69 -22.12 -3.37
N LYS A 154 -10.37 -21.23 -4.08
CA LYS A 154 -11.66 -21.53 -4.68
C LYS A 154 -11.52 -22.45 -5.91
N LEU A 155 -10.53 -22.17 -6.75
CA LEU A 155 -10.43 -22.82 -8.06
C LEU A 155 -9.70 -24.15 -8.07
N CYS A 156 -8.71 -24.29 -7.18
CA CYS A 156 -7.81 -25.43 -7.24
C CYS A 156 -8.29 -26.52 -6.31
N TRP A 157 -8.70 -27.64 -6.90
CA TRP A 157 -9.17 -28.78 -6.12
C TRP A 157 -8.05 -29.73 -5.76
N THR A 158 -6.85 -29.47 -6.29
CA THR A 158 -5.66 -30.23 -5.90
C THR A 158 -4.59 -29.30 -5.33
N GLU A 159 -3.80 -29.83 -4.38
CA GLU A 159 -2.66 -29.09 -3.85
C GLU A 159 -1.59 -28.85 -4.92
N SER A 160 -1.46 -29.81 -5.83
CA SER A 160 -0.51 -29.72 -6.94
C SER A 160 -0.76 -28.47 -7.78
N ALA A 161 -2.01 -28.26 -8.17
CA ALA A 161 -2.38 -27.07 -8.95
C ALA A 161 -2.19 -25.80 -8.15
N LYS A 162 -2.60 -25.82 -6.89
CA LYS A 162 -2.46 -24.64 -6.02
C LYS A 162 -0.99 -24.24 -5.85
N GLN A 163 -0.13 -25.24 -5.66
CA GLN A 163 1.30 -24.96 -5.50
C GLN A 163 1.92 -24.36 -6.76
N LEU A 164 1.55 -24.91 -7.91
CA LEU A 164 2.12 -24.41 -9.16
C LEU A 164 1.56 -23.02 -9.47
N ALA A 165 0.28 -22.82 -9.20
CA ALA A 165 -0.38 -21.53 -9.41
C ALA A 165 0.27 -20.46 -8.51
N THR A 166 0.62 -20.86 -7.28
CA THR A 166 1.26 -19.95 -6.35
C THR A 166 2.62 -19.51 -6.86
N LEU A 167 3.41 -20.48 -7.35
CA LEU A 167 4.71 -20.17 -7.92
C LEU A 167 4.54 -19.21 -9.11
N PHE A 168 3.57 -19.51 -9.96
CA PHE A 168 3.22 -18.65 -11.09
C PHE A 168 2.97 -17.20 -10.68
N VAL A 169 2.15 -16.99 -9.65
CA VAL A 169 1.86 -15.65 -9.17
C VAL A 169 3.14 -15.01 -8.65
N ASN A 170 3.86 -15.73 -7.78
CA ASN A 170 5.10 -15.19 -7.20
C ASN A 170 6.09 -14.75 -8.28
N LEU A 171 6.22 -15.56 -9.33
CA LEU A 171 7.16 -15.30 -10.41
C LEU A 171 6.73 -14.13 -11.30
N CYS A 172 5.45 -14.05 -11.60
CA CYS A 172 4.93 -13.01 -12.49
C CYS A 172 5.00 -11.63 -11.87
N VAL A 173 4.73 -11.52 -10.57
CA VAL A 173 4.55 -10.20 -9.95
C VAL A 173 5.31 -9.99 -8.62
N THR A 174 6.28 -10.87 -8.35
CA THR A 174 7.16 -10.76 -7.17
C THR A 174 6.42 -10.40 -5.88
N ALA A 175 5.29 -11.05 -5.68
CA ALA A 175 4.44 -10.82 -4.53
C ALA A 175 3.74 -12.11 -4.18
N GLU A 176 3.24 -12.17 -2.96
CA GLU A 176 2.55 -13.36 -2.47
C GLU A 176 1.12 -13.36 -2.94
N THR A 177 0.52 -14.54 -3.03
CA THR A 177 -0.86 -14.64 -3.52
C THR A 177 -1.84 -13.87 -2.62
N HIS A 178 -1.58 -13.87 -1.32
CA HIS A 178 -2.42 -13.14 -0.37
C HIS A 178 -2.18 -11.64 -0.36
N GLU A 179 -1.16 -11.17 -1.08
CA GLU A 179 -0.85 -9.73 -1.08
C GLU A 179 -1.61 -8.96 -2.15
N VAL A 180 -2.00 -9.67 -3.21
CA VAL A 180 -2.48 -9.01 -4.42
C VAL A 180 -3.96 -9.25 -4.71
N SER A 181 -4.60 -8.24 -5.30
CA SER A 181 -5.97 -8.36 -5.79
C SER A 181 -6.06 -9.39 -6.91
N ALA A 182 -7.13 -10.17 -6.91
CA ALA A 182 -7.38 -11.12 -7.97
C ALA A 182 -7.68 -10.39 -9.28
N LEU A 183 -8.51 -9.33 -9.20
CA LEU A 183 -8.80 -8.56 -10.41
C LEU A 183 -7.52 -8.03 -11.03
N TRP A 184 -6.67 -7.42 -10.21
CA TRP A 184 -5.44 -6.83 -10.72
C TRP A 184 -4.55 -7.91 -11.33
N PHE A 185 -4.40 -9.05 -10.66
CA PHE A 185 -3.53 -10.08 -11.20
C PHE A 185 -4.06 -10.67 -12.51
N LEU A 186 -5.36 -10.88 -12.58
CA LEU A 186 -6.00 -11.37 -13.81
C LEU A 186 -5.84 -10.36 -14.95
N TRP A 187 -5.94 -9.07 -14.63
CA TRP A 187 -5.67 -8.03 -15.61
C TRP A 187 -4.22 -8.12 -16.06
N TYR A 188 -3.30 -8.21 -15.11
CA TYR A 188 -1.88 -8.22 -15.40
C TYR A 188 -1.51 -9.32 -16.40
N VAL A 189 -2.03 -10.52 -16.18
CA VAL A 189 -1.75 -11.65 -17.08
C VAL A 189 -2.39 -11.42 -18.44
N LYS A 190 -3.65 -10.98 -18.44
CA LYS A 190 -4.39 -10.76 -19.71
C LYS A 190 -3.73 -9.70 -20.58
N GLN A 191 -3.25 -8.63 -19.95
CA GLN A 191 -2.62 -7.54 -20.72
C GLN A 191 -1.19 -7.87 -21.20
N CYS A 192 -0.68 -9.04 -20.80
CA CYS A 192 0.54 -9.59 -21.40
C CYS A 192 0.22 -10.66 -22.44
N GLY A 193 -1.05 -10.80 -22.81
CA GLY A 193 -1.46 -11.75 -23.84
C GLY A 193 -1.88 -13.11 -23.30
N GLY A 194 -1.95 -13.24 -21.97
CA GLY A 194 -2.46 -14.46 -21.34
C GLY A 194 -1.42 -15.36 -20.73
N THR A 195 -1.88 -16.47 -20.13
CA THR A 195 -1.01 -17.36 -19.37
C THR A 195 0.15 -17.92 -20.20
N THR A 196 -0.15 -18.47 -21.38
CA THR A 196 0.91 -19.05 -22.22
C THR A 196 1.96 -18.01 -22.61
N ARG A 197 1.51 -16.85 -23.06
CA ARG A 197 2.44 -15.82 -23.51
C ARG A 197 3.32 -15.30 -22.37
N ILE A 198 2.74 -15.09 -21.20
CA ILE A 198 3.51 -14.50 -20.12
C ILE A 198 4.54 -15.49 -19.56
N ILE A 199 4.22 -16.78 -19.61
CA ILE A 199 5.06 -17.78 -18.93
C ILE A 199 6.10 -18.43 -19.84
N SER A 200 5.92 -18.28 -21.15
CA SER A 200 6.78 -18.97 -22.11
C SER A 200 8.12 -18.30 -22.36
N THR A 201 9.14 -19.13 -22.59
CA THR A 201 10.41 -18.67 -23.12
C THR A 201 10.25 -18.65 -24.64
N THR A 202 10.36 -19.80 -25.30
CA THR A 202 10.04 -19.87 -26.74
C THR A 202 8.60 -19.39 -26.95
N ASN A 203 8.43 -18.43 -27.87
CA ASN A 203 7.13 -17.80 -28.17
C ASN A 203 6.48 -17.00 -27.03
N GLY A 204 7.28 -16.62 -26.04
CA GLY A 204 6.75 -15.84 -24.94
C GLY A 204 7.64 -14.72 -24.45
N GLY A 205 7.28 -14.16 -23.30
CA GLY A 205 7.98 -13.01 -22.72
C GLY A 205 9.46 -13.21 -22.45
N GLN A 206 9.88 -14.46 -22.28
CA GLN A 206 11.28 -14.72 -21.94
C GLN A 206 12.10 -15.24 -23.12
N GLU A 207 11.65 -14.98 -24.34
CA GLU A 207 12.30 -15.59 -25.50
C GLU A 207 13.73 -15.09 -25.73
N ARG A 208 13.95 -13.80 -25.47
CA ARG A 208 15.19 -13.16 -25.92
C ARG A 208 15.76 -12.19 -24.89
N LYS A 209 17.04 -11.86 -25.07
CA LYS A 209 17.69 -10.78 -24.34
C LYS A 209 18.41 -9.92 -25.37
N PHE A 210 18.81 -8.72 -24.96
CA PHE A 210 19.60 -7.85 -25.82
C PHE A 210 21.07 -8.19 -25.72
N VAL A 211 21.73 -8.31 -26.88
CA VAL A 211 23.17 -8.47 -26.91
C VAL A 211 23.78 -7.20 -26.31
N GLY A 212 24.56 -7.37 -25.25
CA GLY A 212 25.21 -6.24 -24.59
C GLY A 212 24.44 -5.66 -23.42
N GLY A 213 23.20 -6.12 -23.23
CA GLY A 213 22.39 -5.68 -22.07
C GLY A 213 21.32 -4.67 -22.42
N SER A 214 20.23 -4.69 -21.66
CA SER A 214 19.11 -3.76 -21.89
C SER A 214 19.39 -2.33 -21.47
N GLY A 215 20.38 -2.13 -20.60
CA GLY A 215 20.75 -0.79 -20.16
C GLY A 215 21.15 0.10 -21.32
N GLN A 216 21.59 -0.51 -22.41
CA GLN A 216 21.95 0.21 -23.63
C GLN A 216 20.80 1.01 -24.23
N VAL A 217 19.56 0.57 -24.00
CA VAL A 217 18.41 1.34 -24.50
C VAL A 217 18.42 2.76 -23.93
N SER A 218 18.44 2.86 -22.60
CA SER A 218 18.45 4.16 -21.93
C SER A 218 19.75 4.92 -22.21
N GLU A 219 20.88 4.19 -22.21
CA GLU A 219 22.20 4.80 -22.42
C GLU A 219 22.28 5.44 -23.80
N ARG A 220 21.81 4.72 -24.82
CA ARG A 220 21.91 5.22 -26.19
C ARG A 220 20.97 6.38 -26.45
N ILE A 221 19.83 6.39 -25.76
CA ILE A 221 18.95 7.57 -25.82
C ILE A 221 19.60 8.77 -25.13
N MET A 222 20.25 8.53 -23.99
CA MET A 222 21.01 9.58 -23.33
C MET A 222 22.09 10.15 -24.26
N ASP A 223 22.74 9.27 -25.01
CA ASP A 223 23.77 9.69 -25.98
C ASP A 223 23.17 10.64 -27.02
N LEU A 224 21.98 10.30 -27.51
CA LEU A 224 21.26 11.13 -28.46
C LEU A 224 20.86 12.49 -27.90
N LEU A 225 20.48 12.53 -26.63
CA LEU A 225 19.95 13.73 -26.00
C LEU A 225 21.04 14.66 -25.46
N GLY A 226 22.26 14.12 -25.29
CA GLY A 226 23.39 14.89 -24.79
C GLY A 226 23.16 15.46 -23.41
N ASP A 227 23.46 16.75 -23.25
CA ASP A 227 23.38 17.38 -21.94
C ASP A 227 21.95 17.69 -21.50
N ARG A 228 20.96 17.27 -22.29
CA ARG A 228 19.55 17.38 -21.89
C ARG A 228 19.18 16.46 -20.73
N VAL A 229 19.96 15.39 -20.55
CA VAL A 229 19.79 14.48 -19.42
C VAL A 229 20.65 14.96 -18.26
N LYS A 230 20.00 15.22 -17.13
CA LYS A 230 20.66 15.71 -15.93
C LYS A 230 20.65 14.61 -14.88
N LEU A 231 21.83 14.04 -14.63
CA LEU A 231 21.97 12.98 -13.64
C LEU A 231 22.15 13.55 -12.24
N GLU A 232 21.75 12.77 -11.23
CA GLU A 232 21.80 13.19 -9.82
C GLU A 232 20.97 14.47 -9.60
N ARG A 233 19.81 14.50 -10.25
CA ARG A 233 18.81 15.53 -10.05
C ARG A 233 17.50 14.91 -9.58
N PRO A 234 17.44 14.47 -8.31
CA PRO A 234 16.16 13.97 -7.80
C PRO A 234 15.18 15.14 -7.69
N VAL A 235 13.99 14.97 -8.27
CA VAL A 235 12.95 15.99 -8.19
C VAL A 235 12.26 15.92 -6.83
N ILE A 236 12.14 17.10 -6.21
CA ILE A 236 11.56 17.23 -4.86
C ILE A 236 10.26 18.04 -4.83
N TYR A 237 10.01 18.82 -5.88
CA TYR A 237 8.94 19.83 -5.83
C TYR A 237 8.45 20.20 -7.22
N ILE A 238 7.14 20.19 -7.40
CA ILE A 238 6.52 20.61 -8.64
C ILE A 238 5.44 21.62 -8.31
N ASP A 239 5.55 22.80 -8.95
CA ASP A 239 4.67 23.92 -8.69
C ASP A 239 3.95 24.29 -9.98
N GLN A 240 2.63 24.17 -9.97
CA GLN A 240 1.79 24.47 -11.14
C GLN A 240 0.89 25.70 -10.93
N THR A 241 1.23 26.54 -9.96
CA THR A 241 0.38 27.68 -9.63
C THR A 241 0.55 28.86 -10.59
N ARG A 242 1.61 28.83 -11.40
CA ARG A 242 1.92 29.94 -12.31
C ARG A 242 1.88 29.51 -13.78
N GLU A 243 2.13 30.47 -14.67
CA GLU A 243 1.99 30.26 -16.12
C GLU A 243 2.81 29.07 -16.62
N ASN A 244 4.07 29.00 -16.20
CA ASN A 244 4.95 27.88 -16.51
C ASN A 244 5.11 26.99 -15.28
N VAL A 245 5.22 25.69 -15.51
CA VAL A 245 5.45 24.73 -14.42
C VAL A 245 6.87 24.85 -13.91
N LEU A 246 7.02 24.84 -12.59
CA LEU A 246 8.33 24.91 -11.95
C LEU A 246 8.68 23.57 -11.32
N VAL A 247 9.83 23.04 -11.69
CA VAL A 247 10.28 21.75 -11.16
C VAL A 247 11.62 21.94 -10.46
N GLU A 248 11.66 21.59 -9.17
CA GLU A 248 12.86 21.77 -8.37
C GLU A 248 13.50 20.45 -8.02
N THR A 249 14.83 20.44 -8.01
CA THR A 249 15.59 19.24 -7.68
C THR A 249 16.26 19.35 -6.31
N LEU A 250 16.73 18.22 -5.79
CA LEU A 250 17.34 18.15 -4.47
C LEU A 250 18.64 18.97 -4.39
N ASN A 251 19.38 19.03 -5.49
CA ASN A 251 20.63 19.78 -5.57
C ASN A 251 20.42 21.27 -5.89
N HIS A 252 19.24 21.77 -5.54
CA HIS A 252 18.86 23.20 -5.67
C HIS A 252 18.93 23.79 -7.07
N GLU A 253 18.39 23.06 -8.04
CA GLU A 253 18.23 23.60 -9.39
C GLU A 253 16.74 23.77 -9.69
N MET A 254 16.42 24.78 -10.49
CA MET A 254 15.06 25.07 -10.87
C MET A 254 14.88 24.91 -12.37
N TYR A 255 13.86 24.16 -12.76
CA TYR A 255 13.54 23.96 -14.16
C TYR A 255 12.15 24.50 -14.46
N GLU A 256 12.03 25.18 -15.60
CA GLU A 256 10.77 25.78 -15.99
C GLU A 256 10.30 25.17 -17.30
N ALA A 257 9.06 24.71 -17.33
CA ALA A 257 8.53 24.00 -18.50
C ALA A 257 7.06 24.29 -18.75
N LYS A 258 6.63 24.01 -19.96
CA LYS A 258 5.21 24.12 -20.33
C LYS A 258 4.43 22.93 -19.75
N TYR A 259 5.05 21.75 -19.79
CA TYR A 259 4.44 20.51 -19.30
C TYR A 259 5.47 19.62 -18.61
N VAL A 260 4.98 18.68 -17.83
CA VAL A 260 5.84 17.70 -17.17
C VAL A 260 5.34 16.28 -17.47
N ILE A 261 6.28 15.36 -17.72
CA ILE A 261 5.94 13.94 -17.72
C ILE A 261 6.55 13.31 -16.47
N SER A 262 5.72 12.67 -15.66
CA SER A 262 6.17 11.89 -14.51
C SER A 262 6.40 10.47 -15.01
N ALA A 263 7.66 10.05 -15.08
CA ALA A 263 7.99 8.73 -15.61
C ALA A 263 8.59 7.83 -14.52
N ILE A 264 8.12 8.02 -13.28
CA ILE A 264 8.62 7.29 -12.12
C ILE A 264 7.53 6.31 -11.64
N PRO A 265 7.91 5.24 -10.90
CA PRO A 265 6.89 4.36 -10.31
C PRO A 265 5.84 5.18 -9.56
N PRO A 266 4.55 4.82 -9.70
CA PRO A 266 3.49 5.63 -9.13
C PRO A 266 3.74 6.05 -7.68
N THR A 267 4.08 5.09 -6.81
CA THR A 267 4.27 5.45 -5.41
C THR A 267 5.43 6.42 -5.18
N LEU A 268 6.44 6.39 -6.06
CA LEU A 268 7.57 7.32 -5.91
C LEU A 268 7.18 8.78 -6.14
N GLY A 269 5.97 8.99 -6.66
CA GLY A 269 5.37 10.33 -6.69
C GLY A 269 5.31 10.96 -5.30
N MET A 270 5.30 10.13 -4.27
CA MET A 270 5.31 10.61 -2.89
C MET A 270 6.55 11.40 -2.53
N LYS A 271 7.64 11.18 -3.26
CA LYS A 271 8.90 11.87 -2.96
C LYS A 271 8.88 13.31 -3.45
N ILE A 272 7.81 13.67 -4.14
CA ILE A 272 7.66 15.02 -4.67
C ILE A 272 6.59 15.74 -3.85
N HIS A 273 6.89 16.98 -3.46
CA HIS A 273 5.93 17.84 -2.79
C HIS A 273 5.23 18.64 -3.88
N PHE A 274 3.89 18.64 -3.84
CA PHE A 274 3.13 19.26 -4.92
C PHE A 274 2.46 20.56 -4.49
N ASN A 275 2.52 21.54 -5.38
CA ASN A 275 1.80 22.79 -5.21
C ASN A 275 1.08 23.11 -6.52
N PRO A 276 -0.27 23.17 -6.50
CA PRO A 276 -1.15 22.90 -5.36
C PRO A 276 -1.13 21.41 -5.02
N PRO A 277 -1.72 21.02 -3.89
CA PRO A 277 -1.74 19.59 -3.56
C PRO A 277 -2.41 18.77 -4.66
N LEU A 278 -2.03 17.50 -4.77
CA LEU A 278 -2.68 16.62 -5.73
C LEU A 278 -4.17 16.49 -5.41
N PRO A 279 -5.00 16.21 -6.43
CA PRO A 279 -6.39 15.90 -6.11
C PRO A 279 -6.44 14.70 -5.17
N MET A 280 -7.52 14.61 -4.39
CA MET A 280 -7.70 13.56 -3.37
C MET A 280 -7.40 12.14 -3.85
N MET A 281 -7.94 11.76 -4.99
CA MET A 281 -7.78 10.38 -5.44
C MET A 281 -6.33 10.03 -5.73
N ARG A 282 -5.61 10.89 -6.44
CA ARG A 282 -4.18 10.63 -6.66
C ARG A 282 -3.37 10.69 -5.37
N ASN A 283 -3.69 11.66 -4.51
CA ASN A 283 -3.02 11.80 -3.20
C ASN A 283 -3.01 10.48 -2.42
N GLN A 284 -4.17 9.82 -2.37
CA GLN A 284 -4.26 8.56 -1.67
C GLN A 284 -3.76 7.38 -2.51
N MET A 285 -4.01 7.42 -3.82
CA MET A 285 -3.56 6.32 -4.69
C MET A 285 -2.09 6.01 -4.52
N ILE A 286 -1.26 7.05 -4.49
CA ILE A 286 0.20 6.87 -4.47
C ILE A 286 0.76 6.31 -3.16
N THR A 287 -0.13 6.12 -2.17
CA THR A 287 0.21 5.47 -0.90
C THR A 287 -0.28 4.01 -0.84
N ARG A 288 -0.95 3.58 -1.91
CA ARG A 288 -1.66 2.29 -1.93
C ARG A 288 -1.10 1.30 -2.94
N VAL A 289 0.05 1.63 -3.54
CA VAL A 289 0.55 0.91 -4.71
C VAL A 289 2.04 0.54 -4.56
N PRO A 290 2.33 -0.52 -3.77
CA PRO A 290 3.72 -0.92 -3.56
C PRO A 290 4.30 -1.66 -4.75
N LEU A 291 5.63 -1.76 -4.79
CA LEU A 291 6.30 -2.61 -5.79
C LEU A 291 6.69 -3.95 -5.16
N GLY A 292 6.87 -4.95 -6.01
CA GLY A 292 7.22 -6.29 -5.55
C GLY A 292 8.62 -6.39 -4.99
N SER A 293 8.99 -7.60 -4.57
CA SER A 293 10.26 -7.83 -3.90
C SER A 293 11.01 -8.97 -4.58
N VAL A 294 12.25 -8.71 -4.97
CA VAL A 294 13.03 -9.71 -5.70
C VAL A 294 14.52 -9.45 -5.58
N ILE A 295 15.29 -10.54 -5.47
CA ILE A 295 16.74 -10.47 -5.66
C ILE A 295 17.04 -11.26 -6.93
N LYS A 296 17.68 -10.61 -7.91
CA LYS A 296 18.09 -11.31 -9.12
C LYS A 296 19.53 -11.77 -8.93
N CYS A 297 19.77 -13.06 -9.12
CA CYS A 297 21.07 -13.66 -8.80
C CYS A 297 21.63 -14.41 -9.99
N ILE A 298 22.89 -14.17 -10.32
CA ILE A 298 23.51 -14.88 -11.45
C ILE A 298 24.78 -15.60 -11.00
N VAL A 299 24.74 -16.93 -11.10
CA VAL A 299 25.86 -17.78 -10.73
C VAL A 299 26.60 -18.22 -12.00
N TYR A 300 27.90 -17.94 -12.04
CA TYR A 300 28.75 -18.25 -13.20
C TYR A 300 29.51 -19.53 -13.00
N TYR A 301 29.71 -20.25 -14.10
CA TYR A 301 30.41 -21.52 -14.12
C TYR A 301 31.39 -21.58 -15.28
N LYS A 302 32.32 -22.54 -15.22
CA LYS A 302 33.32 -22.70 -16.27
C LYS A 302 32.68 -23.05 -17.62
N GLU A 303 31.66 -23.91 -17.58
CA GLU A 303 30.96 -24.37 -18.78
C GLU A 303 29.46 -24.49 -18.47
N PRO A 304 28.60 -24.44 -19.50
CA PRO A 304 27.17 -24.66 -19.28
C PRO A 304 26.89 -26.16 -19.15
N PHE A 305 27.38 -26.73 -18.04
CA PHE A 305 27.44 -28.17 -17.83
C PHE A 305 26.08 -28.87 -17.86
N TRP A 306 25.03 -28.12 -17.54
CA TRP A 306 23.66 -28.67 -17.55
C TRP A 306 23.26 -29.16 -18.92
N ARG A 307 23.76 -28.50 -19.96
CA ARG A 307 23.42 -28.86 -21.35
C ARG A 307 23.87 -30.29 -21.68
N LYS A 308 25.00 -30.69 -21.11
CA LYS A 308 25.56 -32.03 -21.32
C LYS A 308 24.65 -33.13 -20.77
N LYS A 309 23.82 -32.77 -19.79
CA LYS A 309 22.83 -33.67 -19.22
C LYS A 309 21.45 -33.50 -19.84
N ASP A 310 21.41 -32.76 -20.95
CA ASP A 310 20.18 -32.48 -21.69
C ASP A 310 19.18 -31.67 -20.86
N TYR A 311 19.72 -30.72 -20.09
CA TYR A 311 18.94 -29.71 -19.40
C TYR A 311 19.28 -28.35 -19.98
N CYS A 312 18.26 -27.54 -20.29
CA CYS A 312 18.53 -26.24 -20.91
C CYS A 312 18.96 -25.19 -19.88
N GLY A 313 18.62 -25.40 -18.62
CA GLY A 313 18.98 -24.48 -17.55
C GLY A 313 17.77 -23.88 -16.87
N THR A 314 16.60 -24.11 -17.45
CA THR A 314 15.33 -23.68 -16.87
C THR A 314 14.93 -24.64 -15.75
N MET A 315 14.72 -24.10 -14.56
CA MET A 315 14.26 -24.88 -13.42
C MET A 315 13.07 -24.17 -12.81
N ILE A 316 11.99 -24.91 -12.60
CA ILE A 316 10.81 -24.44 -11.91
C ILE A 316 10.83 -25.19 -10.58
N ILE A 317 11.13 -24.47 -9.50
CA ILE A 317 11.47 -25.13 -8.23
C ILE A 317 10.46 -24.79 -7.16
N ASP A 318 9.66 -25.77 -6.78
CA ASP A 318 8.61 -25.57 -5.79
C ASP A 318 9.15 -25.88 -4.41
N GLY A 319 8.58 -25.26 -3.38
CA GLY A 319 8.95 -25.58 -2.01
C GLY A 319 9.54 -24.41 -1.27
N GLU A 320 9.20 -24.32 0.02
CA GLU A 320 9.61 -23.21 0.86
C GLU A 320 11.12 -23.15 1.07
N GLU A 321 11.75 -24.32 1.11
CA GLU A 321 13.18 -24.43 1.40
C GLU A 321 14.04 -23.86 0.29
N ALA A 322 13.54 -23.92 -0.95
CA ALA A 322 14.31 -23.45 -2.10
C ALA A 322 14.35 -21.93 -2.10
N PRO A 323 15.56 -21.34 -2.05
CA PRO A 323 15.63 -19.88 -2.10
C PRO A 323 15.16 -19.29 -3.42
N VAL A 324 15.41 -20.03 -4.51
CA VAL A 324 15.09 -19.60 -5.87
C VAL A 324 14.03 -20.53 -6.44
N ALA A 325 12.93 -19.96 -6.95
CA ALA A 325 11.83 -20.74 -7.51
C ALA A 325 11.88 -20.86 -9.04
N TYR A 326 12.74 -20.06 -9.67
CA TYR A 326 12.80 -20.03 -11.13
C TYR A 326 14.16 -19.61 -11.65
N THR A 327 14.68 -20.38 -12.61
CA THR A 327 15.96 -20.07 -13.23
C THR A 327 15.85 -20.12 -14.75
N LEU A 328 16.78 -19.42 -15.40
CA LEU A 328 17.01 -19.55 -16.84
C LEU A 328 18.51 -19.58 -17.12
N ASP A 329 18.90 -20.26 -18.18
CA ASP A 329 20.28 -20.22 -18.65
C ASP A 329 20.62 -18.78 -19.04
N ASP A 330 21.71 -18.24 -18.48
CA ASP A 330 22.13 -16.85 -18.78
C ASP A 330 23.48 -16.80 -19.51
N THR A 331 23.89 -17.95 -20.04
CA THR A 331 25.11 -18.08 -20.84
C THR A 331 25.04 -17.14 -22.05
N LYS A 332 26.19 -16.56 -22.42
CA LYS A 332 26.24 -15.64 -23.57
C LYS A 332 25.90 -16.39 -24.86
N PRO A 333 25.41 -15.67 -25.90
CA PRO A 333 25.07 -16.34 -27.15
C PRO A 333 26.26 -17.10 -27.75
N GLU A 334 27.47 -16.60 -27.49
CA GLU A 334 28.70 -17.25 -27.97
C GLU A 334 29.00 -18.58 -27.26
N GLY A 335 28.33 -18.82 -26.13
CA GLY A 335 28.47 -20.07 -25.40
C GLY A 335 29.44 -19.98 -24.25
N ASN A 336 30.00 -18.78 -24.05
CA ASN A 336 30.90 -18.53 -22.93
C ASN A 336 30.22 -17.74 -21.80
N TYR A 337 30.98 -17.49 -20.73
CA TYR A 337 30.43 -16.88 -19.51
C TYR A 337 29.20 -17.66 -19.05
N ALA A 338 29.32 -18.99 -19.05
CA ALA A 338 28.23 -19.87 -18.61
C ALA A 338 27.66 -19.41 -17.28
N ALA A 339 26.33 -19.41 -17.18
CA ALA A 339 25.68 -18.85 -16.01
C ALA A 339 24.24 -19.32 -15.90
N ILE A 340 23.77 -19.36 -14.65
CA ILE A 340 22.37 -19.59 -14.34
C ILE A 340 21.84 -18.35 -13.66
N MET A 341 20.77 -17.78 -14.21
CA MET A 341 20.03 -16.68 -13.59
C MET A 341 18.91 -17.27 -12.75
N GLY A 342 18.76 -16.80 -11.51
CA GLY A 342 17.63 -17.22 -10.69
C GLY A 342 17.05 -16.04 -9.93
N PHE A 343 15.75 -16.11 -9.64
CA PHE A 343 15.08 -15.08 -8.85
C PHE A 343 14.77 -15.60 -7.46
N ILE A 344 15.06 -14.79 -6.45
CA ILE A 344 14.60 -15.02 -5.08
C ILE A 344 13.38 -14.13 -4.91
N LEU A 345 12.21 -14.75 -4.72
CA LEU A 345 10.94 -14.05 -4.93
C LEU A 345 10.17 -13.70 -3.66
N ALA A 346 9.57 -12.51 -3.66
CA ALA A 346 8.57 -12.11 -2.65
C ALA A 346 9.10 -12.29 -1.22
N HIS A 347 8.43 -13.06 -0.37
CA HIS A 347 8.88 -13.17 1.04
C HIS A 347 10.32 -13.68 1.20
N LYS A 348 10.77 -14.50 0.26
CA LYS A 348 12.14 -15.03 0.32
C LYS A 348 13.19 -13.96 0.10
N ALA A 349 12.86 -12.93 -0.68
CA ALA A 349 13.77 -11.81 -0.91
C ALA A 349 13.99 -11.09 0.41
N ARG A 350 12.92 -10.98 1.19
CA ARG A 350 12.97 -10.34 2.50
C ARG A 350 13.66 -11.23 3.53
N LYS A 351 13.34 -12.52 3.52
CA LYS A 351 13.94 -13.48 4.44
C LYS A 351 15.44 -13.62 4.25
N LEU A 352 15.87 -13.74 2.99
CA LEU A 352 17.26 -14.07 2.68
C LEU A 352 18.19 -12.87 2.49
N ALA A 353 17.61 -11.67 2.51
CA ALA A 353 18.38 -10.43 2.43
C ALA A 353 19.34 -10.27 3.60
N ARG A 354 19.01 -10.92 4.72
CA ARG A 354 19.79 -10.87 5.96
C ARG A 354 21.17 -11.52 5.79
N LEU A 355 21.23 -12.54 4.94
CA LEU A 355 22.47 -13.27 4.68
C LEU A 355 23.51 -12.43 3.94
N THR A 356 24.75 -12.90 3.92
CA THR A 356 25.79 -12.27 3.12
C THR A 356 25.67 -12.76 1.68
N LYS A 357 26.29 -12.03 0.75
CA LYS A 357 26.38 -12.43 -0.64
C LYS A 357 26.93 -13.85 -0.77
N GLU A 358 28.01 -14.15 -0.03
CA GLU A 358 28.63 -15.47 -0.04
C GLU A 358 27.68 -16.56 0.47
N GLU A 359 26.90 -16.23 1.49
CA GLU A 359 25.90 -17.17 2.03
C GLU A 359 24.79 -17.48 1.04
N ARG A 360 24.28 -16.45 0.35
CA ARG A 360 23.30 -16.67 -0.72
C ARG A 360 23.88 -17.49 -1.87
N LEU A 361 25.12 -17.19 -2.30
CA LEU A 361 25.76 -17.99 -3.34
C LEU A 361 25.79 -19.48 -2.97
N LYS A 362 26.19 -19.77 -1.73
CA LYS A 362 26.28 -21.16 -1.25
C LYS A 362 24.91 -21.85 -1.32
N LYS A 363 23.88 -21.17 -0.82
CA LYS A 363 22.52 -21.74 -0.83
C LYS A 363 22.04 -22.00 -2.26
N LEU A 364 22.34 -21.07 -3.17
CA LEU A 364 21.91 -21.24 -4.56
C LEU A 364 22.64 -22.42 -5.21
N CYS A 365 23.95 -22.51 -5.01
CA CYS A 365 24.72 -23.62 -5.60
C CYS A 365 24.25 -24.97 -5.10
N GLU A 366 23.95 -25.03 -3.80
CA GLU A 366 23.52 -26.29 -3.20
C GLU A 366 22.16 -26.70 -3.72
N LEU A 367 21.29 -25.70 -3.93
CA LEU A 367 20.00 -25.94 -4.56
C LEU A 367 20.17 -26.45 -5.98
N TYR A 368 20.96 -25.74 -6.79
CA TYR A 368 21.14 -26.10 -8.18
C TYR A 368 21.78 -27.49 -8.34
N ALA A 369 22.73 -27.81 -7.45
CA ALA A 369 23.35 -29.15 -7.46
C ALA A 369 22.29 -30.23 -7.27
N LYS A 370 21.38 -29.99 -6.34
CA LYS A 370 20.27 -30.90 -6.09
C LYS A 370 19.35 -31.02 -7.30
N VAL A 371 18.89 -29.88 -7.80
CA VAL A 371 17.90 -29.87 -8.88
C VAL A 371 18.46 -30.45 -10.17
N LEU A 372 19.71 -30.11 -10.47
CA LEU A 372 20.37 -30.56 -11.70
C LEU A 372 21.04 -31.93 -11.52
N GLY A 373 21.00 -32.45 -10.30
CA GLY A 373 21.73 -33.67 -9.95
C GLY A 373 23.19 -33.63 -10.37
N SER A 374 23.85 -32.50 -10.10
CA SER A 374 25.19 -32.23 -10.62
C SER A 374 26.09 -31.58 -9.58
N LEU A 375 27.14 -32.30 -9.17
CA LEU A 375 28.15 -31.74 -8.28
C LEU A 375 28.87 -30.53 -8.86
N GLU A 376 28.90 -30.42 -10.18
CA GLU A 376 29.54 -29.27 -10.86
C GLU A 376 28.91 -27.94 -10.44
N ALA A 377 27.63 -27.98 -10.05
CA ALA A 377 26.93 -26.76 -9.60
C ALA A 377 27.52 -26.18 -8.32
N LEU A 378 28.31 -26.98 -7.61
CA LEU A 378 28.96 -26.53 -6.37
C LEU A 378 30.29 -25.81 -6.63
N GLU A 379 30.68 -25.64 -7.90
CA GLU A 379 31.95 -24.98 -8.20
C GLU A 379 31.77 -23.71 -9.04
N PRO A 380 31.11 -22.68 -8.48
CA PRO A 380 30.92 -21.45 -9.25
C PRO A 380 32.25 -20.75 -9.43
N VAL A 381 32.36 -19.96 -10.49
CA VAL A 381 33.58 -19.18 -10.76
C VAL A 381 33.40 -17.70 -10.47
N HIS A 382 32.13 -17.28 -10.38
CA HIS A 382 31.79 -15.88 -10.14
C HIS A 382 30.32 -15.79 -9.77
N TYR A 383 29.94 -14.66 -9.16
CA TYR A 383 28.57 -14.43 -8.73
C TYR A 383 28.25 -12.95 -8.78
N GLU A 384 27.05 -12.61 -9.29
CA GLU A 384 26.54 -11.24 -9.21
C GLU A 384 25.08 -11.30 -8.76
N GLU A 385 24.65 -10.29 -8.03
CA GLU A 385 23.27 -10.24 -7.57
C GLU A 385 22.81 -8.79 -7.37
N LYS A 386 21.51 -8.59 -7.35
CA LYS A 386 20.97 -7.29 -7.00
C LYS A 386 19.65 -7.44 -6.29
N ASN A 387 19.58 -6.91 -5.07
CA ASN A 387 18.34 -6.89 -4.32
C ASN A 387 17.63 -5.58 -4.58
N TRP A 388 16.56 -5.65 -5.38
CA TRP A 388 15.88 -4.42 -5.79
C TRP A 388 15.04 -3.78 -4.68
N CYS A 389 14.84 -4.53 -3.58
CA CYS A 389 14.09 -4.00 -2.44
C CYS A 389 14.79 -2.84 -1.76
N GLU A 390 16.10 -2.70 -1.98
CA GLU A 390 16.87 -1.68 -1.26
C GLU A 390 16.92 -0.34 -1.99
N GLU A 391 16.34 -0.28 -3.18
CA GLU A 391 16.48 0.88 -4.07
C GLU A 391 15.50 2.00 -3.76
N GLN A 392 16.02 3.11 -3.24
CA GLN A 392 15.20 4.28 -2.91
C GLN A 392 14.43 4.79 -4.12
N TYR A 393 15.07 4.76 -5.29
CA TYR A 393 14.46 5.33 -6.49
C TYR A 393 13.82 4.31 -7.44
N SER A 394 13.61 3.09 -6.95
CA SER A 394 12.76 2.11 -7.62
C SER A 394 11.59 1.66 -6.71
N GLY A 395 11.91 1.36 -5.45
CA GLY A 395 10.92 0.87 -4.48
C GLY A 395 10.75 -0.64 -4.48
N GLY A 396 11.34 -1.30 -5.47
CA GLY A 396 11.18 -2.74 -5.68
C GLY A 396 11.26 -3.09 -7.16
N CYS A 397 10.94 -4.34 -7.47
CA CYS A 397 10.86 -4.84 -8.86
C CYS A 397 9.99 -6.08 -8.85
N TYR A 398 9.45 -6.49 -10.01
CA TYR A 398 9.61 -5.78 -11.30
C TYR A 398 8.77 -4.53 -11.37
N THR A 399 7.63 -4.55 -10.70
CA THR A 399 6.62 -3.54 -10.93
C THR A 399 5.68 -3.37 -9.74
N THR A 400 4.74 -2.46 -9.91
CA THR A 400 3.76 -2.12 -8.90
C THR A 400 2.64 -3.16 -8.89
N TYR A 401 2.29 -3.65 -7.69
CA TYR A 401 1.11 -4.51 -7.53
C TYR A 401 -0.01 -3.79 -6.78
N PHE A 402 -1.24 -4.27 -6.97
CA PHE A 402 -2.39 -3.65 -6.34
C PHE A 402 -2.98 -4.61 -5.33
N PRO A 403 -2.97 -4.22 -4.04
CA PRO A 403 -3.66 -5.01 -3.01
C PRO A 403 -5.18 -5.00 -3.21
N PRO A 404 -5.90 -5.92 -2.53
CA PRO A 404 -7.35 -5.98 -2.72
C PRO A 404 -8.04 -4.64 -2.52
N GLY A 405 -8.93 -4.29 -3.44
CA GLY A 405 -9.80 -3.13 -3.29
C GLY A 405 -9.30 -1.86 -3.94
N ILE A 406 -8.03 -1.85 -4.34
CA ILE A 406 -7.39 -0.61 -4.78
C ILE A 406 -7.62 -0.27 -6.26
N LEU A 407 -7.53 -1.27 -7.12
CA LEU A 407 -7.62 -1.04 -8.55
C LEU A 407 -9.00 -0.47 -8.93
N THR A 408 -10.06 -1.01 -8.32
CA THR A 408 -11.40 -0.48 -8.61
C THR A 408 -11.59 0.93 -8.06
N GLN A 409 -11.04 1.21 -6.89
CA GLN A 409 -11.28 2.48 -6.23
C GLN A 409 -10.41 3.61 -6.77
N TYR A 410 -9.19 3.27 -7.16
CA TYR A 410 -8.17 4.27 -7.51
C TYR A 410 -7.59 4.11 -8.91
N GLY A 411 -7.83 2.95 -9.55
CA GLY A 411 -7.21 2.63 -10.84
C GLY A 411 -7.40 3.67 -11.92
N ARG A 412 -8.59 4.27 -11.98
CA ARG A 412 -8.88 5.21 -13.07
C ARG A 412 -7.99 6.45 -13.06
N VAL A 413 -7.36 6.73 -11.93
CA VAL A 413 -6.55 7.93 -11.81
C VAL A 413 -5.06 7.72 -12.16
N LEU A 414 -4.68 6.47 -12.41
CA LEU A 414 -3.27 6.14 -12.60
C LEU A 414 -2.58 6.97 -13.69
N ARG A 415 -3.24 7.17 -14.83
CA ARG A 415 -2.64 7.97 -15.91
C ARG A 415 -3.48 9.21 -16.27
N GLN A 416 -4.36 9.61 -15.37
CA GLN A 416 -5.13 10.83 -15.54
C GLN A 416 -4.21 12.05 -15.33
N PRO A 417 -4.11 12.93 -16.33
CA PRO A 417 -3.29 14.13 -16.15
C PRO A 417 -3.71 14.96 -14.95
N VAL A 418 -2.73 15.60 -14.31
CA VAL A 418 -2.99 16.53 -13.22
C VAL A 418 -2.52 17.89 -13.72
N ASP A 419 -3.46 18.67 -14.25
CA ASP A 419 -3.18 19.96 -14.89
C ASP A 419 -2.21 19.76 -16.07
N ARG A 420 -0.94 20.11 -15.87
CA ARG A 420 0.08 19.99 -16.94
C ARG A 420 1.07 18.85 -16.70
N ILE A 421 0.79 18.01 -15.71
CA ILE A 421 1.56 16.80 -15.46
C ILE A 421 0.88 15.62 -16.13
N TYR A 422 1.62 14.93 -16.98
CA TYR A 422 1.15 13.72 -17.66
C TYR A 422 1.95 12.54 -17.12
N PHE A 423 1.40 11.34 -17.22
CA PHE A 423 1.99 10.19 -16.53
C PHE A 423 2.43 9.08 -17.46
N ALA A 424 3.74 8.83 -17.45
CA ALA A 424 4.34 7.73 -18.20
C ALA A 424 4.66 6.62 -17.20
N GLY A 425 5.66 5.79 -17.51
CA GLY A 425 6.05 4.70 -16.63
C GLY A 425 5.32 3.43 -16.98
N THR A 426 6.01 2.30 -16.87
CA THR A 426 5.42 1.04 -17.31
C THR A 426 4.08 0.71 -16.65
N GLU A 427 3.90 1.15 -15.41
CA GLU A 427 2.65 0.92 -14.67
C GLU A 427 1.41 1.45 -15.36
N THR A 428 1.59 2.45 -16.23
CA THR A 428 0.46 3.10 -16.93
C THR A 428 0.19 2.52 -18.32
N ALA A 429 0.97 1.51 -18.72
CA ALA A 429 0.75 0.87 -20.02
C ALA A 429 -0.50 0.00 -20.05
N THR A 430 -0.99 -0.30 -21.25
CA THR A 430 -2.16 -1.16 -21.40
C THR A 430 -1.80 -2.51 -22.03
N HIS A 431 -0.55 -2.65 -22.45
CA HIS A 431 -0.04 -3.90 -23.03
C HIS A 431 1.38 -4.07 -22.53
N TRP A 432 1.63 -5.20 -21.87
CA TRP A 432 2.89 -5.48 -21.19
C TRP A 432 3.27 -4.41 -20.16
N SER A 433 2.28 -3.87 -19.45
CA SER A 433 2.55 -3.08 -18.25
C SER A 433 3.38 -3.95 -17.30
N GLY A 434 4.39 -3.35 -16.66
CA GLY A 434 5.33 -4.07 -15.80
C GLY A 434 6.66 -4.35 -16.47
N TYR A 435 6.69 -4.21 -17.80
CA TYR A 435 7.81 -4.63 -18.64
C TYR A 435 8.46 -3.44 -19.33
N MET A 436 9.63 -3.66 -19.93
CA MET A 436 10.27 -2.66 -20.78
C MET A 436 9.33 -2.24 -21.91
N GLU A 437 8.61 -3.21 -22.49
CA GLU A 437 7.62 -2.92 -23.52
C GLU A 437 6.62 -1.87 -23.05
N GLY A 438 6.03 -2.10 -21.88
CA GLY A 438 5.06 -1.15 -21.30
C GLY A 438 5.67 0.21 -21.02
N ALA A 439 6.94 0.24 -20.64
CA ALA A 439 7.65 1.50 -20.45
C ALA A 439 7.64 2.33 -21.74
N VAL A 440 7.94 1.68 -22.86
CA VAL A 440 7.94 2.38 -24.16
C VAL A 440 6.55 2.85 -24.53
N GLU A 441 5.55 1.98 -24.40
CA GLU A 441 4.18 2.35 -24.73
C GLU A 441 3.76 3.59 -23.95
N ALA A 442 4.00 3.56 -22.65
CA ALA A 442 3.55 4.62 -21.75
C ALA A 442 4.29 5.95 -21.97
N GLY A 443 5.59 5.87 -22.23
CA GLY A 443 6.40 7.07 -22.44
C GLY A 443 5.99 7.77 -23.71
N GLU A 444 5.82 7.00 -24.78
CA GLU A 444 5.41 7.58 -26.06
C GLU A 444 3.97 8.10 -26.03
N ARG A 445 3.08 7.38 -25.35
CA ARG A 445 1.70 7.84 -25.20
C ARG A 445 1.63 9.15 -24.42
N ALA A 446 2.37 9.23 -23.31
CA ALA A 446 2.41 10.46 -22.51
C ALA A 446 2.97 11.62 -23.33
N ALA A 447 4.03 11.36 -24.08
CA ALA A 447 4.60 12.36 -24.99
C ALA A 447 3.55 12.88 -25.97
N ARG A 448 2.79 11.96 -26.58
CA ARG A 448 1.79 12.36 -27.58
C ARG A 448 0.57 13.06 -26.97
N GLU A 449 0.27 12.76 -25.70
CA GLU A 449 -0.75 13.53 -24.96
C GLU A 449 -0.37 15.01 -24.88
N ILE A 450 0.91 15.27 -24.63
CA ILE A 450 1.45 16.62 -24.61
C ILE A 450 1.44 17.23 -26.02
N LEU A 451 1.86 16.47 -27.03
CA LEU A 451 1.80 16.96 -28.41
C LEU A 451 0.37 17.36 -28.78
N HIS A 452 -0.60 16.56 -28.36
CA HIS A 452 -2.00 16.91 -28.60
C HIS A 452 -2.41 18.16 -27.84
N ALA A 453 -1.99 18.27 -26.58
CA ALA A 453 -2.27 19.45 -25.76
C ALA A 453 -1.74 20.73 -26.40
N MET A 454 -0.62 20.60 -27.12
CA MET A 454 -0.01 21.74 -27.81
C MET A 454 -0.64 21.99 -29.18
N GLY A 455 -1.62 21.16 -29.54
CA GLY A 455 -2.31 21.25 -30.83
C GLY A 455 -1.47 20.80 -32.02
N LYS A 456 -0.44 20.01 -31.75
CA LYS A 456 0.49 19.55 -32.79
C LYS A 456 0.05 18.27 -33.49
N ILE A 457 -0.74 17.45 -32.80
CA ILE A 457 -1.31 16.23 -33.39
C ILE A 457 -2.78 16.10 -32.99
N PRO A 458 -3.59 15.43 -33.84
CA PRO A 458 -5.00 15.20 -33.47
C PRO A 458 -5.15 14.19 -32.34
N GLU A 459 -6.31 14.20 -31.69
CA GLU A 459 -6.60 13.31 -30.56
C GLU A 459 -6.40 11.83 -30.90
N ASP A 460 -6.76 11.43 -32.12
CA ASP A 460 -6.70 10.02 -32.51
C ASP A 460 -5.28 9.50 -32.73
N GLU A 461 -4.29 10.38 -32.53
CA GLU A 461 -2.89 10.01 -32.68
C GLU A 461 -2.18 9.85 -31.33
N ILE A 462 -2.91 10.07 -30.24
CA ILE A 462 -2.36 9.90 -28.89
C ILE A 462 -1.98 8.43 -28.65
N TRP A 463 -2.89 7.53 -28.96
CA TRP A 463 -2.64 6.10 -28.88
C TRP A 463 -2.32 5.58 -30.26
N GLN A 464 -1.18 4.91 -30.40
CA GLN A 464 -0.67 4.49 -31.70
C GLN A 464 -0.35 3.00 -31.72
N SER A 465 -0.89 2.30 -32.72
CA SER A 465 -0.56 0.88 -32.94
C SER A 465 0.91 0.73 -33.32
N GLU A 466 1.43 -0.49 -33.14
CA GLU A 466 2.82 -0.79 -33.47
C GLU A 466 2.90 -1.95 -34.46
N PRO A 467 3.60 -1.77 -35.59
CA PRO A 467 3.80 -2.87 -36.53
C PRO A 467 4.55 -4.02 -35.87
N GLU A 468 4.19 -5.25 -36.22
CA GLU A 468 4.87 -6.42 -35.67
C GLU A 468 6.33 -6.45 -36.13
N SER A 469 7.21 -6.79 -35.21
CA SER A 469 8.63 -6.98 -35.50
C SER A 469 8.82 -8.04 -36.58
N VAL A 470 9.69 -7.75 -37.55
CA VAL A 470 10.05 -8.74 -38.56
C VAL A 470 11.05 -9.76 -38.02
N ASP A 471 11.76 -9.38 -36.97
CA ASP A 471 12.84 -10.17 -36.39
C ASP A 471 12.34 -11.14 -35.34
N VAL A 472 11.25 -10.77 -34.66
CA VAL A 472 10.70 -11.56 -33.58
C VAL A 472 9.20 -11.75 -33.83
N PRO A 473 8.87 -12.62 -34.81
CA PRO A 473 7.46 -12.82 -35.14
C PRO A 473 6.75 -13.59 -34.03
N ALA A 474 5.45 -13.34 -33.90
CA ALA A 474 4.67 -13.97 -32.84
C ALA A 474 3.81 -15.09 -33.39
N GLN A 475 4.03 -16.29 -32.88
CA GLN A 475 3.16 -17.42 -33.19
C GLN A 475 1.91 -17.29 -32.33
N PRO A 476 0.73 -17.58 -32.90
CA PRO A 476 -0.50 -17.46 -32.11
C PRO A 476 -0.56 -18.47 -30.96
N ILE A 477 -1.31 -18.15 -29.92
CA ILE A 477 -1.52 -19.06 -28.81
C ILE A 477 -2.71 -19.96 -29.15
N THR A 478 -2.47 -21.27 -29.15
CA THR A 478 -3.47 -22.25 -29.54
C THR A 478 -3.86 -23.14 -28.37
N THR A 479 -5.08 -23.67 -28.44
CA THR A 479 -5.55 -24.67 -27.48
C THR A 479 -6.09 -25.88 -28.22
N THR A 480 -6.00 -27.06 -27.61
CA THR A 480 -6.55 -28.27 -28.19
C THR A 480 -8.03 -28.40 -27.83
N PHE A 481 -8.72 -29.29 -28.54
CA PHE A 481 -10.14 -29.56 -28.26
C PHE A 481 -10.35 -30.01 -26.81
N LEU A 482 -9.52 -30.93 -26.34
CA LEU A 482 -9.61 -31.45 -24.98
C LEU A 482 -9.33 -30.38 -23.93
N GLU A 483 -8.32 -29.53 -24.19
CA GLU A 483 -7.99 -28.42 -23.29
C GLU A 483 -9.17 -27.48 -23.11
N ARG A 484 -9.89 -27.23 -24.21
CA ARG A 484 -11.06 -26.36 -24.21
C ARG A 484 -12.26 -26.94 -23.47
N HIS A 485 -12.47 -28.26 -23.61
CA HIS A 485 -13.74 -28.88 -23.19
C HIS A 485 -13.69 -29.88 -22.04
N LEU A 486 -12.50 -30.33 -21.64
CA LEU A 486 -12.38 -31.20 -20.48
C LEU A 486 -12.97 -30.50 -19.25
N PRO A 487 -13.74 -31.25 -18.43
CA PRO A 487 -14.37 -30.63 -17.27
C PRO A 487 -13.37 -30.27 -16.17
N SER A 488 -13.74 -29.32 -15.33
CA SER A 488 -13.05 -29.08 -14.07
C SER A 488 -13.34 -30.23 -13.13
N VAL A 489 -12.67 -30.27 -11.97
CA VAL A 489 -12.94 -31.28 -10.95
C VAL A 489 -14.40 -31.22 -10.46
N PRO A 490 -14.88 -30.03 -10.03
CA PRO A 490 -16.30 -29.97 -9.65
C PRO A 490 -17.24 -30.26 -10.82
N GLY A 491 -16.81 -29.91 -12.03
CA GLY A 491 -17.56 -30.24 -13.25
C GLY A 491 -17.72 -31.73 -13.46
N LEU A 492 -16.63 -32.48 -13.24
CA LEU A 492 -16.67 -33.94 -13.29
C LEU A 492 -17.57 -34.53 -12.21
N LEU A 493 -17.50 -33.94 -11.01
CA LEU A 493 -18.31 -34.41 -9.87
C LEU A 493 -19.80 -34.20 -10.10
N ARG A 494 -20.15 -33.15 -10.84
CA ARG A 494 -21.53 -32.91 -11.27
C ARG A 494 -22.01 -34.02 -12.20
N LEU A 495 -21.20 -34.34 -13.21
CA LEU A 495 -21.49 -35.41 -14.16
C LEU A 495 -21.63 -36.77 -13.49
N ILE A 496 -20.84 -37.00 -12.44
CA ILE A 496 -20.97 -38.19 -11.61
C ILE A 496 -22.24 -38.11 -10.76
N GLY A 497 -22.52 -36.91 -10.23
CA GLY A 497 -23.73 -36.68 -9.44
C GLY A 497 -25.02 -36.89 -10.21
N LEU A 498 -25.02 -36.55 -11.50
CA LEU A 498 -26.21 -36.64 -12.34
C LEU A 498 -26.44 -38.04 -12.92
N THR A 499 -25.35 -38.75 -13.22
CA THR A 499 -25.42 -40.12 -13.72
C THR A 499 -25.83 -41.08 -12.60
N THR A 500 -25.43 -40.76 -11.37
CA THR A 500 -25.81 -41.53 -10.18
C THR A 500 -27.28 -41.31 -9.83
N ILE A 501 -27.75 -40.08 -10.02
CA ILE A 501 -29.14 -39.70 -9.73
C ILE A 501 -30.12 -40.31 -10.73
N ASN B 3 19.18 26.69 13.02
CA ASN B 3 20.29 25.85 12.50
C ASN B 3 20.62 24.68 13.44
N LYS B 4 21.35 24.96 14.52
CA LYS B 4 21.88 23.88 15.37
C LYS B 4 21.11 23.64 16.67
N CYS B 5 20.81 22.38 16.94
CA CYS B 5 20.08 21.97 18.15
C CYS B 5 20.41 20.53 18.54
N ASP B 6 19.80 20.07 19.63
CA ASP B 6 20.00 18.69 20.09
C ASP B 6 19.14 17.70 19.31
N VAL B 7 17.84 18.01 19.18
CA VAL B 7 16.91 17.11 18.49
C VAL B 7 15.98 17.90 17.57
N VAL B 8 15.88 17.44 16.32
CA VAL B 8 14.89 17.96 15.37
C VAL B 8 13.72 16.98 15.40
N VAL B 9 12.52 17.53 15.61
CA VAL B 9 11.30 16.72 15.54
C VAL B 9 10.61 17.07 14.23
N VAL B 10 10.39 16.05 13.40
CA VAL B 10 9.72 16.25 12.12
C VAL B 10 8.23 15.98 12.34
N GLY B 11 7.42 17.03 12.25
CA GLY B 11 5.98 16.90 12.45
C GLY B 11 5.52 17.49 13.77
N GLY B 12 4.60 18.44 13.70
CA GLY B 12 4.04 19.10 14.87
C GLY B 12 2.59 18.72 15.14
N GLY B 13 2.28 17.43 14.97
CA GLY B 13 1.05 16.86 15.51
C GLY B 13 1.21 16.59 16.99
N ILE B 14 0.23 15.95 17.60
CA ILE B 14 0.31 15.66 19.02
C ILE B 14 1.55 14.85 19.39
N SER B 15 1.92 13.88 18.56
CA SER B 15 3.06 13.03 18.87
C SER B 15 4.36 13.82 18.85
N GLY B 16 4.58 14.61 17.80
CA GLY B 16 5.77 15.46 17.67
C GLY B 16 5.85 16.49 18.78
N MET B 17 4.72 17.11 19.07
CA MET B 17 4.64 18.10 20.16
C MET B 17 4.91 17.49 21.53
N ALA B 18 4.34 16.31 21.78
CA ALA B 18 4.57 15.62 23.06
C ALA B 18 6.05 15.24 23.21
N ALA B 19 6.66 14.79 22.12
CA ALA B 19 8.09 14.44 22.12
C ALA B 19 8.92 15.69 22.38
N ALA B 20 8.61 16.77 21.66
CA ALA B 20 9.35 18.01 21.80
C ALA B 20 9.23 18.56 23.21
N LYS B 21 8.03 18.54 23.77
CA LYS B 21 7.81 19.02 25.14
C LYS B 21 8.65 18.26 26.16
N LEU B 22 8.66 16.94 26.05
CA LEU B 22 9.41 16.10 26.98
C LEU B 22 10.90 16.44 26.93
N LEU B 23 11.44 16.53 25.71
CA LEU B 23 12.85 16.83 25.50
C LEU B 23 13.20 18.23 25.99
N HIS B 24 12.35 19.21 25.65
CA HIS B 24 12.47 20.58 26.14
C HIS B 24 12.48 20.64 27.67
N ASP B 25 11.52 19.96 28.29
CA ASP B 25 11.41 19.91 29.75
C ASP B 25 12.62 19.23 30.39
N SER B 26 13.31 18.39 29.63
CA SER B 26 14.51 17.70 30.12
C SER B 26 15.77 18.54 29.96
N GLY B 27 15.65 19.69 29.29
CA GLY B 27 16.76 20.63 29.16
C GLY B 27 17.46 20.63 27.82
N LEU B 28 16.93 19.88 26.86
CA LEU B 28 17.51 19.80 25.54
C LEU B 28 16.97 20.91 24.64
N ASN B 29 17.78 21.31 23.66
CA ASN B 29 17.36 22.27 22.66
C ASN B 29 16.67 21.57 21.50
N VAL B 30 15.37 21.81 21.36
CA VAL B 30 14.58 21.13 20.34
C VAL B 30 14.04 22.10 19.30
N VAL B 31 13.85 21.59 18.08
CA VAL B 31 13.19 22.33 17.03
C VAL B 31 12.14 21.41 16.44
N VAL B 32 10.94 21.94 16.22
CA VAL B 32 9.88 21.21 15.54
C VAL B 32 9.72 21.77 14.14
N LEU B 33 9.88 20.91 13.15
CA LEU B 33 9.69 21.32 11.77
C LEU B 33 8.35 20.80 11.29
N GLU B 34 7.42 21.73 11.02
CA GLU B 34 6.06 21.40 10.64
C GLU B 34 5.76 21.85 9.21
N ALA B 35 5.28 20.91 8.39
CA ALA B 35 4.99 21.18 6.99
C ALA B 35 3.92 22.23 6.75
N ARG B 36 2.85 22.18 7.54
CA ARG B 36 1.69 23.05 7.36
C ARG B 36 1.88 24.43 8.00
N ASP B 37 0.96 25.33 7.71
CA ASP B 37 0.89 26.63 8.38
C ASP B 37 0.21 26.58 9.75
N ARG B 38 0.02 25.36 10.27
CA ARG B 38 -0.58 25.16 11.58
C ARG B 38 -0.01 23.90 12.22
N VAL B 39 -0.13 23.83 13.55
CA VAL B 39 0.17 22.59 14.26
C VAL B 39 -1.12 21.76 14.41
N GLY B 40 -0.98 20.52 14.86
CA GLY B 40 -2.14 19.68 15.16
C GLY B 40 -2.30 18.47 14.26
N GLY B 41 -1.89 18.60 13.00
CA GLY B 41 -1.92 17.49 12.05
C GLY B 41 -3.31 16.91 11.84
N ARG B 42 -3.50 15.67 12.30
CA ARG B 42 -4.80 14.99 12.18
C ARG B 42 -5.84 15.46 13.21
N THR B 43 -5.42 16.35 14.10
CA THR B 43 -6.38 17.16 14.86
C THR B 43 -6.41 18.56 14.27
N TYR B 44 -7.61 19.15 14.24
CA TYR B 44 -7.83 20.47 13.71
C TYR B 44 -9.13 21.00 14.29
N THR B 45 -9.02 22.09 15.06
CA THR B 45 -10.18 22.72 15.66
C THR B 45 -10.43 24.04 14.93
N LEU B 46 -11.56 24.11 14.25
CA LEU B 46 -11.98 25.31 13.52
C LEU B 46 -12.77 26.19 14.48
N ARG B 47 -12.46 27.49 14.50
CA ARG B 47 -13.25 28.45 15.26
C ARG B 47 -13.90 29.45 14.33
N ASN B 48 -15.21 29.64 14.51
CA ASN B 48 -15.94 30.73 13.88
C ASN B 48 -17.19 31.03 14.69
N GLN B 49 -17.88 32.11 14.33
CA GLN B 49 -19.04 32.56 15.06
C GLN B 49 -20.17 31.54 15.12
N LYS B 50 -20.33 30.82 14.02
CA LYS B 50 -21.46 29.91 13.86
C LYS B 50 -21.36 28.67 14.72
N VAL B 51 -20.13 28.21 14.97
CA VAL B 51 -19.90 26.95 15.66
C VAL B 51 -19.23 27.14 17.03
N LYS B 52 -18.72 28.35 17.25
CA LYS B 52 -17.78 28.66 18.33
C LYS B 52 -16.45 27.93 18.09
N TYR B 53 -16.45 26.61 18.32
CA TYR B 53 -15.32 25.76 17.93
C TYR B 53 -15.87 24.41 17.49
N VAL B 54 -15.13 23.74 16.60
CA VAL B 54 -15.50 22.38 16.21
C VAL B 54 -14.26 21.58 15.85
N ASP B 55 -14.15 20.37 16.39
CA ASP B 55 -13.11 19.43 15.97
C ASP B 55 -13.46 18.83 14.63
N LEU B 56 -12.63 19.10 13.62
CA LEU B 56 -12.81 18.52 12.29
C LEU B 56 -11.91 17.31 12.08
N GLY B 57 -10.95 17.13 12.99
CA GLY B 57 -10.14 15.92 13.05
C GLY B 57 -10.39 15.14 14.34
N GLY B 58 -9.35 14.55 14.88
CA GLY B 58 -9.45 13.81 16.14
C GLY B 58 -10.14 14.59 17.24
N SER B 59 -11.02 13.94 17.99
CA SER B 59 -11.84 14.65 18.99
C SER B 59 -12.04 13.90 20.30
N TYR B 60 -12.34 12.61 20.21
CA TYR B 60 -12.82 11.85 21.37
C TYR B 60 -11.69 11.30 22.21
N VAL B 61 -11.88 11.38 23.52
CA VAL B 61 -11.01 10.71 24.48
C VAL B 61 -11.89 9.97 25.47
N GLY B 62 -11.32 9.00 26.19
CA GLY B 62 -12.11 8.27 27.15
C GLY B 62 -11.27 7.47 28.10
N PRO B 63 -11.94 6.71 28.99
CA PRO B 63 -11.25 5.94 30.01
C PRO B 63 -10.18 5.02 29.43
N THR B 64 -9.07 4.91 30.16
CA THR B 64 -7.85 4.15 29.79
C THR B 64 -6.88 4.89 28.86
N GLN B 65 -7.29 6.07 28.37
CA GLN B 65 -6.40 6.92 27.58
C GLN B 65 -5.77 7.95 28.51
N ASN B 66 -4.93 7.46 29.42
CA ASN B 66 -4.44 8.29 30.52
C ASN B 66 -3.37 9.31 30.15
N ARG B 67 -2.61 9.02 29.09
CA ARG B 67 -1.54 9.92 28.65
C ARG B 67 -2.08 11.21 28.04
N ILE B 68 -3.01 11.09 27.10
CA ILE B 68 -3.60 12.28 26.50
C ILE B 68 -4.37 13.10 27.55
N LEU B 69 -5.05 12.41 28.46
CA LEU B 69 -5.78 13.11 29.53
C LEU B 69 -4.83 13.87 30.44
N ARG B 70 -3.69 13.26 30.75
CA ARG B 70 -2.69 13.90 31.63
C ARG B 70 -2.02 15.10 30.96
N LEU B 71 -1.61 14.92 29.71
CA LEU B 71 -1.00 15.99 28.94
C LEU B 71 -1.95 17.17 28.79
N ALA B 72 -3.19 16.89 28.40
CA ALA B 72 -4.17 17.95 28.23
C ALA B 72 -4.46 18.67 29.55
N LYS B 73 -4.58 17.92 30.63
CA LYS B 73 -4.85 18.53 31.96
C LYS B 73 -3.71 19.48 32.33
N GLU B 74 -2.47 19.03 32.11
CA GLU B 74 -1.31 19.85 32.42
C GLU B 74 -1.33 21.16 31.63
N LEU B 75 -1.83 21.10 30.39
CA LEU B 75 -1.93 22.26 29.53
C LEU B 75 -3.15 23.14 29.85
N GLY B 76 -3.96 22.72 30.82
CA GLY B 76 -5.06 23.54 31.32
C GLY B 76 -6.39 23.26 30.62
N LEU B 77 -6.47 22.11 29.97
CA LEU B 77 -7.69 21.72 29.27
C LEU B 77 -8.61 20.87 30.14
N GLU B 78 -9.89 20.88 29.82
CA GLU B 78 -10.89 20.08 30.53
C GLU B 78 -11.71 19.31 29.51
N THR B 79 -12.33 18.23 29.95
CA THR B 79 -13.22 17.45 29.07
C THR B 79 -14.68 17.64 29.47
N TYR B 80 -15.57 17.23 28.57
CA TYR B 80 -16.98 17.09 28.92
C TYR B 80 -17.48 15.81 28.26
N LYS B 81 -18.60 15.30 28.73
CA LYS B 81 -19.12 14.02 28.27
C LYS B 81 -19.96 14.17 27.02
N VAL B 82 -19.69 13.32 26.02
CA VAL B 82 -20.53 13.22 24.82
C VAL B 82 -21.90 12.77 25.26
N ASN B 83 -22.95 13.38 24.72
CA ASN B 83 -24.30 13.06 25.19
C ASN B 83 -24.70 11.63 24.88
N GLU B 84 -24.98 10.85 25.93
CA GLU B 84 -25.52 9.51 25.74
C GLU B 84 -26.61 9.21 26.78
N VAL B 85 -27.34 10.26 27.16
CA VAL B 85 -28.39 10.15 28.17
C VAL B 85 -29.58 9.36 27.62
N GLU B 86 -30.02 9.73 26.43
CA GLU B 86 -31.23 9.14 25.84
C GLU B 86 -30.88 7.91 24.97
N ARG B 87 -31.84 7.44 24.18
CA ARG B 87 -31.65 6.18 23.47
C ARG B 87 -30.78 6.32 22.23
N LEU B 88 -30.01 5.27 21.96
CA LEU B 88 -29.25 5.13 20.74
C LEU B 88 -30.20 4.59 19.68
N ILE B 89 -29.83 4.72 18.41
CA ILE B 89 -30.65 4.17 17.34
C ILE B 89 -29.83 3.25 16.45
N HIS B 90 -30.36 2.05 16.17
CA HIS B 90 -29.81 1.21 15.12
C HIS B 90 -30.82 1.23 13.98
N HIS B 91 -30.39 1.71 12.83
CA HIS B 91 -31.24 1.81 11.64
C HIS B 91 -30.82 0.70 10.67
N VAL B 92 -31.72 -0.22 10.42
CA VAL B 92 -31.38 -1.35 9.55
C VAL B 92 -32.59 -1.70 8.69
N LYS B 93 -32.31 -1.99 7.42
CA LYS B 93 -33.34 -2.29 6.43
C LYS B 93 -34.43 -1.22 6.43
N GLY B 94 -33.99 0.04 6.49
CA GLY B 94 -34.87 1.20 6.35
C GLY B 94 -35.74 1.54 7.56
N LYS B 95 -35.42 0.98 8.71
CA LYS B 95 -36.23 1.16 9.91
C LYS B 95 -35.37 1.43 11.16
N SER B 96 -35.85 2.33 12.01
CA SER B 96 -35.10 2.70 13.22
C SER B 96 -35.53 1.89 14.45
N TYR B 97 -34.53 1.37 15.17
CA TYR B 97 -34.76 0.58 16.36
C TYR B 97 -34.00 1.19 17.53
N PRO B 98 -34.69 1.96 18.38
CA PRO B 98 -34.01 2.58 19.51
C PRO B 98 -33.58 1.55 20.56
N PHE B 99 -32.49 1.84 21.25
CA PHE B 99 -31.97 0.94 22.28
C PHE B 99 -31.08 1.65 23.29
N ARG B 100 -30.71 0.91 24.33
CA ARG B 100 -29.80 1.40 25.38
C ARG B 100 -28.65 0.40 25.58
N GLY B 101 -27.55 0.90 26.14
CA GLY B 101 -26.34 0.11 26.23
C GLY B 101 -25.52 0.26 24.96
N PRO B 102 -24.27 -0.24 24.96
CA PRO B 102 -23.36 -0.02 23.83
C PRO B 102 -23.67 -0.85 22.57
N PHE B 103 -24.45 -1.92 22.74
CA PHE B 103 -24.71 -2.87 21.65
C PHE B 103 -26.18 -2.87 21.23
N PRO B 104 -26.44 -2.77 19.90
CA PRO B 104 -27.81 -2.89 19.42
C PRO B 104 -28.32 -4.31 19.68
N PRO B 105 -29.50 -4.44 20.30
CA PRO B 105 -30.08 -5.75 20.61
C PRO B 105 -30.43 -6.56 19.36
N VAL B 106 -30.39 -7.88 19.53
CA VAL B 106 -30.73 -8.83 18.49
C VAL B 106 -31.78 -9.75 19.09
N TRP B 107 -32.88 -9.98 18.37
CA TRP B 107 -33.99 -10.75 18.94
C TRP B 107 -34.14 -12.19 18.44
N ASN B 108 -33.84 -12.41 17.16
CA ASN B 108 -33.81 -13.77 16.60
C ASN B 108 -32.72 -14.60 17.31
N PRO B 109 -33.09 -15.80 17.79
CA PRO B 109 -32.24 -16.63 18.66
C PRO B 109 -30.95 -17.06 17.99
N ILE B 110 -31.06 -17.46 16.73
CA ILE B 110 -29.92 -17.90 15.96
C ILE B 110 -29.00 -16.71 15.68
N THR B 111 -29.62 -15.60 15.31
CA THR B 111 -28.90 -14.36 15.07
C THR B 111 -28.21 -13.87 16.35
N TYR B 112 -28.89 -13.99 17.49
CA TYR B 112 -28.28 -13.67 18.78
C TYR B 112 -27.00 -14.47 19.04
N LEU B 113 -27.06 -15.79 18.81
CA LEU B 113 -25.88 -16.64 19.00
C LEU B 113 -24.73 -16.21 18.08
N ASP B 114 -25.07 -15.86 16.84
CA ASP B 114 -24.07 -15.47 15.84
C ASP B 114 -23.40 -14.15 16.22
N HIS B 115 -24.19 -13.15 16.59
CA HIS B 115 -23.66 -11.87 17.06
C HIS B 115 -22.81 -12.04 18.30
N ASN B 116 -23.32 -12.78 19.28
CA ASN B 116 -22.60 -12.99 20.53
C ASN B 116 -21.25 -13.63 20.24
N ASN B 117 -21.26 -14.64 19.38
CA ASN B 117 -20.04 -15.36 19.03
C ASN B 117 -19.03 -14.48 18.30
N PHE B 118 -19.52 -13.64 17.41
CA PHE B 118 -18.61 -12.82 16.62
C PHE B 118 -17.75 -11.92 17.51
N TRP B 119 -18.39 -11.13 18.37
CA TRP B 119 -17.66 -10.20 19.25
C TRP B 119 -16.76 -10.95 20.20
N ARG B 120 -17.28 -12.04 20.75
CA ARG B 120 -16.53 -12.88 21.67
C ARG B 120 -15.27 -13.42 21.00
N THR B 121 -15.44 -13.91 19.78
CA THR B 121 -14.32 -14.47 19.01
C THR B 121 -13.27 -13.42 18.67
N MET B 122 -13.71 -12.21 18.31
CA MET B 122 -12.79 -11.09 18.08
C MET B 122 -11.88 -10.86 19.30
N ASP B 123 -12.49 -10.81 20.48
CA ASP B 123 -11.72 -10.63 21.70
C ASP B 123 -10.89 -11.87 22.06
N ASP B 124 -11.43 -13.06 21.82
CA ASP B 124 -10.67 -14.31 22.04
C ASP B 124 -9.38 -14.31 21.24
N MET B 125 -9.52 -13.99 19.96
CA MET B 125 -8.36 -13.93 19.07
C MET B 125 -7.38 -12.88 19.52
N GLY B 126 -7.89 -11.72 19.92
CA GLY B 126 -7.04 -10.63 20.41
C GLY B 126 -6.15 -11.00 21.58
N ARG B 127 -6.63 -11.88 22.44
CA ARG B 127 -5.84 -12.27 23.61
C ARG B 127 -4.56 -13.01 23.28
N GLU B 128 -4.49 -13.54 22.05
CA GLU B 128 -3.29 -14.23 21.57
C GLU B 128 -2.33 -13.30 20.82
N ILE B 129 -2.67 -12.01 20.75
CA ILE B 129 -1.87 -11.06 19.98
C ILE B 129 -1.15 -10.07 20.90
N PRO B 130 0.19 -10.20 21.03
CA PRO B 130 0.91 -9.26 21.88
C PRO B 130 0.78 -7.83 21.35
N SER B 131 0.41 -6.90 22.24
CA SER B 131 0.23 -5.50 21.84
C SER B 131 1.50 -4.88 21.24
N ASP B 132 2.64 -5.24 21.80
CA ASP B 132 3.92 -4.67 21.36
C ASP B 132 4.60 -5.47 20.25
N ALA B 133 3.96 -6.55 19.80
CA ALA B 133 4.53 -7.43 18.78
C ALA B 133 3.47 -8.34 18.19
N PRO B 134 2.50 -7.76 17.46
CA PRO B 134 1.43 -8.59 16.87
C PRO B 134 1.93 -9.74 15.98
N TRP B 135 3.08 -9.55 15.36
CA TRP B 135 3.69 -10.57 14.50
C TRP B 135 4.16 -11.81 15.27
N LYS B 136 4.11 -11.73 16.61
CA LYS B 136 4.45 -12.87 17.47
C LYS B 136 3.22 -13.67 17.90
N ALA B 137 2.04 -13.30 17.42
CA ALA B 137 0.86 -14.12 17.67
C ALA B 137 1.14 -15.53 17.14
N PRO B 138 0.69 -16.57 17.88
CA PRO B 138 0.94 -17.96 17.44
C PRO B 138 0.49 -18.23 16.01
N LEU B 139 -0.63 -17.64 15.60
CA LEU B 139 -1.14 -17.80 14.25
C LEU B 139 -0.97 -16.54 13.41
N ALA B 140 0.10 -15.78 13.69
CA ALA B 140 0.31 -14.49 13.04
C ALA B 140 0.22 -14.58 11.51
N GLU B 141 0.92 -15.55 10.92
CA GLU B 141 0.96 -15.65 9.45
C GLU B 141 -0.41 -16.02 8.88
N GLU B 142 -1.04 -17.03 9.48
CA GLU B 142 -2.37 -17.45 9.07
C GLU B 142 -3.37 -16.29 9.11
N TRP B 143 -3.37 -15.54 10.20
CA TRP B 143 -4.30 -14.42 10.35
C TRP B 143 -3.91 -13.21 9.48
N ASP B 144 -2.62 -12.99 9.29
CA ASP B 144 -2.16 -11.86 8.46
C ASP B 144 -2.42 -12.06 6.98
N ASN B 145 -2.53 -13.33 6.56
CA ASN B 145 -2.69 -13.67 5.15
C ASN B 145 -4.14 -13.70 4.69
N MET B 146 -5.06 -13.35 5.58
CA MET B 146 -6.46 -13.23 5.21
C MET B 146 -6.94 -11.82 5.51
N THR B 147 -7.91 -11.35 4.73
CA THR B 147 -8.52 -10.05 5.00
C THR B 147 -9.58 -10.18 6.08
N MET B 148 -10.00 -9.06 6.65
CA MET B 148 -11.14 -9.10 7.58
C MET B 148 -12.41 -9.61 6.89
N LYS B 149 -12.53 -9.34 5.59
CA LYS B 149 -13.68 -9.85 4.83
C LYS B 149 -13.72 -11.37 4.87
N GLU B 150 -12.58 -12.02 4.63
CA GLU B 150 -12.51 -13.48 4.69
C GLU B 150 -12.84 -14.02 6.06
N LEU B 151 -12.33 -13.33 7.10
CA LEU B 151 -12.61 -13.75 8.47
C LEU B 151 -14.09 -13.64 8.80
N LEU B 152 -14.70 -12.52 8.42
CA LEU B 152 -16.15 -12.33 8.65
C LEU B 152 -16.97 -13.38 7.91
N ASP B 153 -16.56 -13.68 6.68
CA ASP B 153 -17.24 -14.70 5.87
C ASP B 153 -17.20 -16.07 6.55
N LYS B 154 -16.09 -16.35 7.24
CA LYS B 154 -15.90 -17.59 7.96
C LYS B 154 -16.71 -17.64 9.26
N LEU B 155 -16.72 -16.53 10.00
CA LEU B 155 -17.27 -16.52 11.35
C LEU B 155 -18.78 -16.26 11.41
N CYS B 156 -19.27 -15.46 10.48
CA CYS B 156 -20.65 -14.99 10.57
C CYS B 156 -21.58 -15.89 9.79
N TRP B 157 -22.44 -16.59 10.53
CA TRP B 157 -23.42 -17.48 9.91
C TRP B 157 -24.71 -16.76 9.54
N THR B 158 -24.84 -15.51 9.97
CA THR B 158 -25.97 -14.66 9.59
C THR B 158 -25.52 -13.40 8.87
N GLU B 159 -26.34 -12.95 7.91
CA GLU B 159 -26.08 -11.68 7.23
C GLU B 159 -26.16 -10.49 8.17
N SER B 160 -27.04 -10.57 9.16
CA SER B 160 -27.19 -9.55 10.20
C SER B 160 -25.86 -9.29 10.90
N ALA B 161 -25.21 -10.36 11.37
CA ALA B 161 -23.92 -10.23 12.04
C ALA B 161 -22.86 -9.70 11.09
N LYS B 162 -22.86 -10.21 9.86
CA LYS B 162 -21.84 -9.80 8.89
C LYS B 162 -21.95 -8.31 8.56
N GLN B 163 -23.18 -7.82 8.41
CA GLN B 163 -23.42 -6.41 8.14
C GLN B 163 -22.96 -5.51 9.30
N LEU B 164 -23.27 -5.92 10.52
CA LEU B 164 -22.88 -5.10 11.67
C LEU B 164 -21.37 -5.15 11.88
N ALA B 165 -20.78 -6.33 11.69
CA ALA B 165 -19.32 -6.50 11.78
C ALA B 165 -18.60 -5.64 10.73
N THR B 166 -19.20 -5.56 9.54
CA THR B 166 -18.63 -4.76 8.47
C THR B 166 -18.64 -3.27 8.86
N LEU B 167 -19.77 -2.80 9.38
CA LEU B 167 -19.90 -1.42 9.84
C LEU B 167 -18.86 -1.14 10.91
N PHE B 168 -18.72 -2.08 11.86
CA PHE B 168 -17.74 -2.00 12.93
C PHE B 168 -16.33 -1.79 12.39
N VAL B 169 -15.93 -2.62 11.43
CA VAL B 169 -14.61 -2.47 10.79
C VAL B 169 -14.47 -1.12 10.09
N ASN B 170 -15.46 -0.76 9.27
CA ASN B 170 -15.44 0.52 8.56
C ASN B 170 -15.27 1.69 9.50
N LEU B 171 -16.00 1.67 10.62
CA LEU B 171 -15.99 2.75 11.60
C LEU B 171 -14.67 2.83 12.37
N CYS B 172 -14.14 1.67 12.77
CA CYS B 172 -12.93 1.64 13.58
C CYS B 172 -11.70 2.10 12.82
N VAL B 173 -11.63 1.73 11.54
CA VAL B 173 -10.37 1.91 10.78
C VAL B 173 -10.52 2.57 9.41
N THR B 174 -11.71 3.13 9.14
CA THR B 174 -11.99 3.87 7.90
C THR B 174 -11.49 3.17 6.64
N ALA B 175 -11.71 1.85 6.61
CA ALA B 175 -11.28 1.02 5.51
C ALA B 175 -12.27 -0.13 5.35
N GLU B 176 -12.26 -0.72 4.17
CA GLU B 176 -13.15 -1.83 3.87
C GLU B 176 -12.60 -3.10 4.46
N THR B 177 -13.49 -4.05 4.72
CA THR B 177 -13.09 -5.30 5.32
C THR B 177 -12.11 -6.06 4.43
N HIS B 178 -12.29 -5.95 3.12
CA HIS B 178 -11.42 -6.61 2.16
C HIS B 178 -10.08 -5.90 1.96
N GLU B 179 -9.94 -4.70 2.52
CA GLU B 179 -8.70 -3.95 2.35
C GLU B 179 -7.65 -4.28 3.38
N VAL B 180 -8.09 -4.75 4.54
CA VAL B 180 -7.24 -4.87 5.72
C VAL B 180 -6.93 -6.31 6.15
N SER B 181 -5.75 -6.51 6.71
CA SER B 181 -5.36 -7.79 7.30
C SER B 181 -6.20 -8.10 8.54
N ALA B 182 -6.57 -9.37 8.69
CA ALA B 182 -7.30 -9.80 9.89
C ALA B 182 -6.40 -9.69 11.11
N LEU B 183 -5.15 -10.14 11.00
CA LEU B 183 -4.22 -10.00 12.13
C LEU B 183 -4.13 -8.55 12.58
N TRP B 184 -3.92 -7.64 11.62
CA TRP B 184 -3.75 -6.23 11.97
C TRP B 184 -5.01 -5.67 12.62
N PHE B 185 -6.18 -5.99 12.06
CA PHE B 185 -7.41 -5.46 12.64
C PHE B 185 -7.67 -6.01 14.05
N LEU B 186 -7.43 -7.30 14.24
CA LEU B 186 -7.60 -7.92 15.55
C LEU B 186 -6.64 -7.31 16.57
N TRP B 187 -5.41 -7.04 16.14
CA TRP B 187 -4.45 -6.32 16.97
C TRP B 187 -5.00 -4.94 17.32
N TYR B 188 -5.51 -4.24 16.31
CA TYR B 188 -5.96 -2.85 16.49
C TYR B 188 -7.03 -2.76 17.57
N VAL B 189 -8.00 -3.68 17.52
CA VAL B 189 -9.08 -3.71 18.52
C VAL B 189 -8.53 -4.08 19.91
N LYS B 190 -7.70 -5.11 19.96
CA LYS B 190 -7.11 -5.60 21.20
C LYS B 190 -6.32 -4.50 21.93
N GLN B 191 -5.54 -3.74 21.16
CA GLN B 191 -4.66 -2.72 21.74
C GLN B 191 -5.41 -1.45 22.16
N CYS B 192 -6.70 -1.38 21.84
CA CYS B 192 -7.59 -0.36 22.41
C CYS B 192 -8.41 -0.91 23.58
N GLY B 193 -8.07 -2.11 24.03
CA GLY B 193 -8.75 -2.72 25.17
C GLY B 193 -9.91 -3.63 24.83
N GLY B 194 -10.12 -3.90 23.55
CA GLY B 194 -11.14 -4.86 23.12
C GLY B 194 -12.39 -4.23 22.53
N THR B 195 -13.33 -5.07 22.11
CA THR B 195 -14.49 -4.62 21.35
C THR B 195 -15.34 -3.63 22.14
N THR B 196 -15.63 -3.96 23.39
CA THR B 196 -16.48 -3.08 24.21
C THR B 196 -15.83 -1.71 24.43
N ARG B 197 -14.54 -1.71 24.76
CA ARG B 197 -13.86 -0.45 25.04
C ARG B 197 -13.76 0.44 23.81
N ILE B 198 -13.44 -0.14 22.66
CA ILE B 198 -13.26 0.64 21.44
C ILE B 198 -14.58 1.21 20.92
N ILE B 199 -15.68 0.49 21.12
CA ILE B 199 -16.95 0.88 20.50
C ILE B 199 -17.87 1.71 21.40
N SER B 200 -17.54 1.77 22.69
CA SER B 200 -18.43 2.42 23.65
C SER B 200 -18.22 3.93 23.74
N THR B 201 -19.31 4.64 23.97
CA THR B 201 -19.27 6.05 24.34
C THR B 201 -19.08 6.07 25.85
N THR B 202 -20.15 5.84 26.62
CA THR B 202 -19.99 5.68 28.07
C THR B 202 -19.03 4.54 28.38
N ASN B 203 -17.99 4.83 29.15
CA ASN B 203 -16.94 3.86 29.51
C ASN B 203 -16.08 3.38 28.33
N GLY B 204 -16.06 4.14 27.25
CA GLY B 204 -15.24 3.75 26.10
C GLY B 204 -14.52 4.90 25.43
N GLY B 205 -13.96 4.62 24.24
CA GLY B 205 -13.17 5.61 23.50
C GLY B 205 -13.88 6.89 23.12
N GLN B 206 -15.21 6.87 23.06
CA GLN B 206 -15.95 8.06 22.64
C GLN B 206 -16.61 8.79 23.80
N GLU B 207 -16.13 8.60 25.03
CA GLU B 207 -16.85 9.14 26.18
C GLU B 207 -16.85 10.66 26.24
N ARG B 208 -15.74 11.26 25.83
CA ARG B 208 -15.51 12.66 26.11
C ARG B 208 -14.89 13.42 24.94
N LYS B 209 -15.03 14.75 24.98
CA LYS B 209 -14.30 15.65 24.08
C LYS B 209 -13.66 16.73 24.92
N PHE B 210 -12.70 17.44 24.35
CA PHE B 210 -12.07 18.56 25.06
C PHE B 210 -12.88 19.83 24.88
N VAL B 211 -13.14 20.52 25.99
CA VAL B 211 -13.76 21.82 25.94
C VAL B 211 -12.84 22.74 25.15
N GLY B 212 -13.36 23.34 24.08
CA GLY B 212 -12.58 24.24 23.21
C GLY B 212 -11.84 23.57 22.07
N GLY B 213 -11.87 22.23 22.02
CA GLY B 213 -11.28 21.50 20.91
C GLY B 213 -9.93 20.85 21.21
N SER B 214 -9.66 19.72 20.55
CA SER B 214 -8.41 19.00 20.77
C SER B 214 -7.19 19.68 20.16
N GLY B 215 -7.42 20.57 19.20
CA GLY B 215 -6.33 21.33 18.57
C GLY B 215 -5.53 22.11 19.60
N GLN B 216 -6.18 22.43 20.72
CA GLN B 216 -5.52 23.16 21.81
C GLN B 216 -4.33 22.42 22.40
N VAL B 217 -4.34 21.09 22.30
CA VAL B 217 -3.18 20.33 22.81
C VAL B 217 -1.92 20.76 22.06
N SER B 218 -1.93 20.67 20.73
CA SER B 218 -0.76 21.03 19.93
C SER B 218 -0.48 22.53 19.99
N GLU B 219 -1.54 23.32 20.00
CA GLU B 219 -1.42 24.78 20.05
C GLU B 219 -0.74 25.25 21.32
N ARG B 220 -1.17 24.69 22.45
CA ARG B 220 -0.64 25.10 23.76
C ARG B 220 0.80 24.64 23.97
N ILE B 221 1.17 23.49 23.38
CA ILE B 221 2.58 23.07 23.40
C ILE B 221 3.41 24.01 22.49
N MET B 222 2.85 24.40 21.35
CA MET B 222 3.52 25.39 20.51
C MET B 222 3.74 26.68 21.29
N ASP B 223 2.75 27.09 22.08
CA ASP B 223 2.87 28.29 22.92
C ASP B 223 4.05 28.16 23.89
N LEU B 224 4.18 26.98 24.50
CA LEU B 224 5.29 26.71 25.42
C LEU B 224 6.64 26.79 24.72
N LEU B 225 6.72 26.21 23.52
CA LEU B 225 8.00 26.08 22.82
C LEU B 225 8.43 27.35 22.09
N GLY B 226 7.49 28.27 21.87
CA GLY B 226 7.78 29.56 21.23
C GLY B 226 8.29 29.41 19.82
N ASP B 227 9.42 30.07 19.53
CA ASP B 227 9.96 30.05 18.17
C ASP B 227 10.71 28.76 17.82
N ARG B 228 10.67 27.77 18.70
CA ARG B 228 11.25 26.46 18.43
C ARG B 228 10.42 25.68 17.40
N VAL B 229 9.15 26.05 17.27
CA VAL B 229 8.26 25.46 16.26
C VAL B 229 8.32 26.29 14.98
N LYS B 230 8.70 25.64 13.88
CA LYS B 230 8.84 26.29 12.58
C LYS B 230 7.74 25.79 11.66
N LEU B 231 6.79 26.67 11.36
CA LEU B 231 5.66 26.34 10.49
C LEU B 231 6.03 26.53 9.03
N GLU B 232 5.36 25.79 8.14
CA GLU B 232 5.64 25.82 6.70
C GLU B 232 7.11 25.46 6.42
N ARG B 233 7.58 24.45 7.14
CA ARG B 233 8.88 23.84 6.92
C ARG B 233 8.72 22.35 6.64
N PRO B 234 8.25 22.01 5.42
CA PRO B 234 8.18 20.59 5.08
C PRO B 234 9.60 20.05 4.95
N VAL B 235 9.89 18.96 5.64
CA VAL B 235 11.18 18.29 5.54
C VAL B 235 11.26 17.48 4.24
N ILE B 236 12.36 17.67 3.51
CA ILE B 236 12.57 17.04 2.20
C ILE B 236 13.79 16.11 2.17
N TYR B 237 14.68 16.27 3.15
CA TYR B 237 15.98 15.60 3.07
C TYR B 237 16.59 15.42 4.45
N ILE B 238 17.04 14.19 4.72
CA ILE B 238 17.73 13.87 5.96
C ILE B 238 19.05 13.18 5.61
N ASP B 239 20.15 13.74 6.11
CA ASP B 239 21.49 13.25 5.80
C ASP B 239 22.17 12.83 7.10
N GLN B 240 22.51 11.55 7.19
CA GLN B 240 23.15 11.01 8.38
C GLN B 240 24.58 10.53 8.11
N THR B 241 25.19 11.03 7.03
CA THR B 241 26.53 10.58 6.65
C THR B 241 27.64 11.23 7.48
N ARG B 242 27.32 12.31 8.19
CA ARG B 242 28.31 13.07 8.95
C ARG B 242 28.04 13.04 10.45
N GLU B 243 28.92 13.68 11.23
CA GLU B 243 28.87 13.64 12.69
C GLU B 243 27.51 14.08 13.25
N ASN B 244 26.99 15.19 12.74
CA ASN B 244 25.66 15.67 13.09
C ASN B 244 24.67 15.40 11.97
N VAL B 245 23.42 15.10 12.33
CA VAL B 245 22.37 14.86 11.36
C VAL B 245 21.94 16.17 10.72
N LEU B 246 21.82 16.17 9.40
CA LEU B 246 21.40 17.35 8.65
C LEU B 246 19.98 17.16 8.16
N VAL B 247 19.11 18.12 8.47
CA VAL B 247 17.71 18.06 8.06
C VAL B 247 17.38 19.30 7.23
N GLU B 248 16.96 19.08 5.98
CA GLU B 248 16.66 20.17 5.08
C GLU B 248 15.16 20.29 4.82
N THR B 249 14.69 21.52 4.75
CA THR B 249 13.28 21.81 4.47
C THR B 249 13.07 22.33 3.05
N LEU B 250 11.81 22.32 2.61
CA LEU B 250 11.43 22.74 1.25
C LEU B 250 11.76 24.21 0.99
N ASN B 251 11.60 25.04 2.01
CA ASN B 251 11.90 26.48 1.93
C ASN B 251 13.39 26.80 2.10
N HIS B 252 14.24 25.82 1.81
CA HIS B 252 15.71 25.96 1.79
C HIS B 252 16.36 26.37 3.11
N GLU B 253 15.94 25.74 4.19
CA GLU B 253 16.59 25.91 5.48
C GLU B 253 17.27 24.61 5.88
N MET B 254 18.39 24.73 6.60
CA MET B 254 19.16 23.59 7.04
C MET B 254 19.18 23.55 8.56
N TYR B 255 18.87 22.38 9.11
CA TYR B 255 18.89 22.17 10.55
C TYR B 255 19.88 21.07 10.90
N GLU B 256 20.62 21.29 11.97
CA GLU B 256 21.66 20.36 12.37
C GLU B 256 21.35 19.87 13.78
N ALA B 257 21.33 18.55 13.95
CA ALA B 257 20.95 17.96 15.23
C ALA B 257 21.74 16.70 15.56
N LYS B 258 21.74 16.35 16.83
CA LYS B 258 22.35 15.09 17.28
C LYS B 258 21.44 13.92 16.92
N TYR B 259 20.14 14.13 17.02
CA TYR B 259 19.14 13.09 16.74
C TYR B 259 17.92 13.67 16.06
N VAL B 260 17.13 12.81 15.43
CA VAL B 260 15.87 13.22 14.81
C VAL B 260 14.74 12.32 15.31
N ILE B 261 13.57 12.91 15.54
CA ILE B 261 12.35 12.13 15.75
C ILE B 261 11.46 12.34 14.53
N SER B 262 11.09 11.24 13.89
CA SER B 262 10.13 11.28 12.80
C SER B 262 8.75 11.08 13.42
N ALA B 263 7.94 12.13 13.43
CA ALA B 263 6.62 12.06 14.05
C ALA B 263 5.50 12.22 13.02
N ILE B 264 5.74 11.70 11.82
CA ILE B 264 4.79 11.77 10.71
C ILE B 264 4.22 10.38 10.44
N PRO B 265 3.03 10.31 9.78
CA PRO B 265 2.51 8.99 9.38
C PRO B 265 3.58 8.19 8.64
N PRO B 266 3.68 6.87 8.91
CA PRO B 266 4.77 6.08 8.33
C PRO B 266 4.98 6.30 6.83
N THR B 267 3.91 6.22 6.05
CA THR B 267 4.06 6.35 4.60
C THR B 267 4.57 7.73 4.16
N LEU B 268 4.32 8.77 4.97
CA LEU B 268 4.76 10.12 4.63
C LEU B 268 6.28 10.28 4.76
N GLY B 269 6.94 9.27 5.32
CA GLY B 269 8.40 9.17 5.23
C GLY B 269 8.88 9.15 3.79
N MET B 270 8.01 8.74 2.87
CA MET B 270 8.33 8.75 1.43
C MET B 270 8.65 10.15 0.88
N LYS B 271 8.12 11.18 1.54
CA LYS B 271 8.31 12.56 1.09
C LYS B 271 9.69 13.10 1.41
N ILE B 272 10.47 12.30 2.13
CA ILE B 272 11.83 12.65 2.53
C ILE B 272 12.84 11.79 1.75
N HIS B 273 13.84 12.45 1.19
CA HIS B 273 14.93 11.76 0.51
C HIS B 273 16.01 11.49 1.55
N PHE B 274 16.47 10.25 1.60
CA PHE B 274 17.38 9.83 2.67
C PHE B 274 18.79 9.58 2.17
N ASN B 275 19.75 10.06 2.94
CA ASN B 275 21.16 9.79 2.70
C ASN B 275 21.83 9.38 4.01
N PRO B 276 22.34 8.14 4.09
CA PRO B 276 22.30 7.08 3.08
C PRO B 276 20.86 6.59 2.89
N PRO B 277 20.61 5.78 1.84
CA PRO B 277 19.23 5.26 1.69
C PRO B 277 18.80 4.49 2.93
N LEU B 278 17.49 4.43 3.14
CA LEU B 278 16.94 3.63 4.23
C LEU B 278 17.30 2.16 4.04
N PRO B 279 17.38 1.39 5.15
CA PRO B 279 17.55 -0.05 4.97
C PRO B 279 16.38 -0.61 4.18
N MET B 280 16.62 -1.73 3.49
CA MET B 280 15.62 -2.36 2.61
C MET B 280 14.23 -2.45 3.19
N MET B 281 14.13 -2.96 4.42
CA MET B 281 12.81 -3.25 5.00
C MET B 281 11.99 -1.98 5.21
N ARG B 282 12.62 -0.93 5.75
CA ARG B 282 11.90 0.32 5.89
C ARG B 282 11.60 0.97 4.54
N ASN B 283 12.57 0.90 3.62
CA ASN B 283 12.35 1.42 2.27
C ASN B 283 11.07 0.91 1.63
N GLN B 284 10.84 -0.41 1.73
CA GLN B 284 9.62 -0.99 1.19
C GLN B 284 8.41 -0.82 2.11
N MET B 285 8.63 -0.90 3.43
CA MET B 285 7.52 -0.76 4.38
C MET B 285 6.72 0.51 4.14
N ILE B 286 7.41 1.63 3.93
CA ILE B 286 6.75 2.93 3.83
C ILE B 286 5.93 3.12 2.54
N THR B 287 5.96 2.13 1.65
CA THR B 287 5.13 2.09 0.45
C THR B 287 3.94 1.14 0.60
N ARG B 288 3.86 0.48 1.75
CA ARG B 288 2.89 -0.61 1.96
C ARG B 288 1.84 -0.31 3.03
N VAL B 289 1.79 0.94 3.48
CA VAL B 289 1.03 1.30 4.67
C VAL B 289 0.17 2.55 4.46
N PRO B 290 -0.97 2.38 3.78
CA PRO B 290 -1.84 3.53 3.51
C PRO B 290 -2.64 3.95 4.73
N LEU B 291 -3.19 5.16 4.68
CA LEU B 291 -4.15 5.61 5.70
C LEU B 291 -5.58 5.48 5.18
N GLY B 292 -6.53 5.40 6.12
CA GLY B 292 -7.94 5.25 5.77
C GLY B 292 -8.55 6.49 5.12
N SER B 293 -9.84 6.38 4.80
CA SER B 293 -10.55 7.42 4.05
C SER B 293 -11.80 7.82 4.81
N VAL B 294 -11.95 9.11 5.07
CA VAL B 294 -13.09 9.60 5.84
C VAL B 294 -13.36 11.07 5.57
N ILE B 295 -14.64 11.42 5.52
CA ILE B 295 -15.09 12.81 5.59
C ILE B 295 -15.83 12.96 6.91
N LYS B 296 -15.39 13.89 7.76
CA LYS B 296 -16.06 14.17 9.01
C LYS B 296 -17.01 15.34 8.79
N CYS B 297 -18.28 15.16 9.11
CA CYS B 297 -19.32 16.14 8.76
C CYS B 297 -20.11 16.52 9.99
N ILE B 298 -20.31 17.82 10.20
CA ILE B 298 -21.08 18.29 11.36
C ILE B 298 -22.21 19.20 10.89
N VAL B 299 -23.44 18.74 11.12
CA VAL B 299 -24.65 19.47 10.76
C VAL B 299 -25.20 20.13 12.01
N TYR B 300 -25.40 21.44 11.92
CA TYR B 300 -25.87 22.26 13.04
C TYR B 300 -27.35 22.57 12.94
N TYR B 301 -27.99 22.63 14.11
CA TYR B 301 -29.42 22.86 14.22
C TYR B 301 -29.73 23.88 15.31
N LYS B 302 -30.92 24.45 15.26
CA LYS B 302 -31.35 25.43 16.26
C LYS B 302 -31.36 24.83 17.67
N GLU B 303 -31.83 23.59 17.79
CA GLU B 303 -31.92 22.91 19.08
C GLU B 303 -31.53 21.44 18.91
N PRO B 304 -31.11 20.76 20.01
CA PRO B 304 -30.87 19.31 19.92
C PRO B 304 -32.21 18.56 19.96
N PHE B 305 -32.97 18.70 18.89
CA PHE B 305 -34.37 18.28 18.85
C PHE B 305 -34.56 16.78 19.08
N TRP B 306 -33.54 15.99 18.78
CA TRP B 306 -33.62 14.54 18.93
C TRP B 306 -33.83 14.15 20.39
N ARG B 307 -33.31 14.95 21.31
CA ARG B 307 -33.43 14.68 22.73
C ARG B 307 -34.89 14.67 23.19
N LYS B 308 -35.71 15.50 22.56
CA LYS B 308 -37.14 15.57 22.87
C LYS B 308 -37.88 14.27 22.54
N LYS B 309 -37.32 13.49 21.61
CA LYS B 309 -37.89 12.21 21.20
C LYS B 309 -37.21 11.04 21.93
N ASP B 310 -36.43 11.39 22.96
CA ASP B 310 -35.67 10.42 23.76
C ASP B 310 -34.62 9.69 22.92
N TYR B 311 -34.00 10.42 22.00
CA TYR B 311 -32.83 9.94 21.25
C TYR B 311 -31.62 10.76 21.66
N CYS B 312 -30.49 10.13 21.90
CA CYS B 312 -29.30 10.87 22.32
C CYS B 312 -28.54 11.50 21.15
N GLY B 313 -28.78 11.01 19.94
CA GLY B 313 -28.10 11.53 18.75
C GLY B 313 -27.17 10.50 18.12
N THR B 314 -26.93 9.41 18.82
CA THR B 314 -26.15 8.30 18.27
C THR B 314 -27.01 7.51 17.31
N MET B 315 -26.53 7.37 16.08
CA MET B 315 -27.18 6.56 15.07
C MET B 315 -26.17 5.59 14.47
N ILE B 316 -26.55 4.32 14.44
CA ILE B 316 -25.73 3.29 13.77
C ILE B 316 -26.58 2.89 12.57
N ILE B 317 -26.10 3.23 11.37
CA ILE B 317 -26.94 3.21 10.17
C ILE B 317 -26.35 2.24 9.15
N ASP B 318 -27.03 1.11 8.97
CA ASP B 318 -26.53 0.10 8.06
C ASP B 318 -27.02 0.39 6.64
N GLY B 319 -26.30 -0.14 5.65
CA GLY B 319 -26.77 -0.08 4.28
C GLY B 319 -25.92 0.79 3.38
N GLU B 320 -25.85 0.40 2.11
CA GLU B 320 -25.05 1.09 1.12
C GLU B 320 -25.53 2.51 0.82
N GLU B 321 -26.85 2.71 0.83
CA GLU B 321 -27.46 3.98 0.44
C GLU B 321 -27.12 5.10 1.41
N ALA B 322 -26.92 4.76 2.69
CA ALA B 322 -26.69 5.77 3.71
C ALA B 322 -25.28 6.33 3.55
N PRO B 323 -25.17 7.66 3.35
CA PRO B 323 -23.82 8.22 3.21
C PRO B 323 -23.00 8.09 4.50
N VAL B 324 -23.70 8.17 5.63
CA VAL B 324 -23.10 8.18 6.96
C VAL B 324 -23.58 6.95 7.72
N ALA B 325 -22.63 6.16 8.23
CA ALA B 325 -22.97 4.95 8.96
C ALA B 325 -23.00 5.14 10.48
N TYR B 326 -22.46 6.25 10.96
CA TYR B 326 -22.34 6.45 12.39
C TYR B 326 -22.36 7.93 12.74
N THR B 327 -23.16 8.27 13.75
CA THR B 327 -23.24 9.66 14.24
C THR B 327 -23.14 9.70 15.75
N LEU B 328 -22.76 10.88 16.26
CA LEU B 328 -22.85 11.20 17.68
C LEU B 328 -23.35 12.62 17.82
N ASP B 329 -24.02 12.90 18.93
CA ASP B 329 -24.42 14.26 19.29
C ASP B 329 -23.15 15.09 19.47
N ASP B 330 -23.07 16.23 18.79
CA ASP B 330 -21.90 17.12 18.89
C ASP B 330 -22.23 18.47 19.54
N THR B 331 -23.42 18.53 20.15
CA THR B 331 -23.89 19.71 20.88
C THR B 331 -22.89 20.07 21.99
N LYS B 332 -22.72 21.37 22.23
CA LYS B 332 -21.80 21.88 23.26
C LYS B 332 -22.31 21.49 24.65
N PRO B 333 -21.40 21.40 25.63
CA PRO B 333 -21.80 21.00 26.98
C PRO B 333 -22.90 21.90 27.52
N GLU B 334 -22.87 23.17 27.12
CA GLU B 334 -23.85 24.17 27.55
C GLU B 334 -25.25 23.92 26.97
N GLY B 335 -25.33 23.09 25.93
CA GLY B 335 -26.62 22.73 25.32
C GLY B 335 -26.93 23.54 24.08
N ASN B 336 -26.01 24.44 23.74
CA ASN B 336 -26.15 25.25 22.53
C ASN B 336 -25.25 24.74 21.42
N TYR B 337 -25.30 25.42 20.27
CA TYR B 337 -24.66 24.96 19.04
C TYR B 337 -25.01 23.50 18.78
N ALA B 338 -26.31 23.18 18.87
CA ALA B 338 -26.78 21.82 18.62
C ALA B 338 -26.25 21.31 17.29
N ALA B 339 -25.80 20.05 17.29
CA ALA B 339 -25.18 19.47 16.11
C ALA B 339 -25.15 17.95 16.16
N ILE B 340 -25.12 17.35 14.97
CA ILE B 340 -24.89 15.94 14.80
C ILE B 340 -23.59 15.77 14.02
N MET B 341 -22.67 15.00 14.60
CA MET B 341 -21.43 14.63 13.92
C MET B 341 -21.65 13.29 13.23
N GLY B 342 -21.28 13.20 11.96
CA GLY B 342 -21.34 11.92 11.26
C GLY B 342 -20.09 11.69 10.42
N PHE B 343 -19.73 10.42 10.23
CA PHE B 343 -18.59 10.05 9.40
C PHE B 343 -19.06 9.46 8.10
N ILE B 344 -18.49 9.92 6.99
CA ILE B 344 -18.65 9.25 5.69
C ILE B 344 -17.42 8.38 5.52
N LEU B 345 -17.61 7.06 5.51
CA LEU B 345 -16.51 6.11 5.74
C LEU B 345 -16.02 5.39 4.50
N ALA B 346 -14.69 5.23 4.43
CA ALA B 346 -14.06 4.32 3.47
C ALA B 346 -14.52 4.58 2.03
N HIS B 347 -15.06 3.60 1.31
CA HIS B 347 -15.42 3.83 -0.10
C HIS B 347 -16.43 4.96 -0.32
N LYS B 348 -17.28 5.21 0.67
CA LYS B 348 -18.27 6.28 0.56
C LYS B 348 -17.62 7.66 0.57
N ALA B 349 -16.47 7.80 1.24
CA ALA B 349 -15.73 9.06 1.26
C ALA B 349 -15.24 9.34 -0.15
N ARG B 350 -14.82 8.29 -0.84
CA ARG B 350 -14.32 8.40 -2.20
C ARG B 350 -15.46 8.66 -3.18
N LYS B 351 -16.57 7.95 -3.00
CA LYS B 351 -17.74 8.07 -3.87
C LYS B 351 -18.38 9.45 -3.77
N LEU B 352 -18.53 9.96 -2.55
CA LEU B 352 -19.30 11.18 -2.30
C LEU B 352 -18.48 12.47 -2.31
N ALA B 353 -17.17 12.33 -2.45
CA ALA B 353 -16.26 13.47 -2.53
C ALA B 353 -16.53 14.29 -3.77
N ARG B 354 -17.08 13.64 -4.80
CA ARG B 354 -17.41 14.26 -6.09
C ARG B 354 -18.46 15.35 -5.96
N LEU B 355 -19.37 15.17 -5.01
CA LEU B 355 -20.48 16.11 -4.78
C LEU B 355 -19.99 17.44 -4.20
N THR B 356 -20.87 18.44 -4.22
CA THR B 356 -20.57 19.71 -3.57
C THR B 356 -20.87 19.60 -2.08
N LYS B 357 -20.32 20.53 -1.31
CA LYS B 357 -20.61 20.64 0.12
C LYS B 357 -22.12 20.69 0.37
N GLU B 358 -22.83 21.50 -0.42
CA GLU B 358 -24.28 21.64 -0.31
C GLU B 358 -25.01 20.33 -0.62
N GLU B 359 -24.52 19.59 -1.60
CA GLU B 359 -25.09 18.29 -1.97
C GLU B 359 -24.94 17.26 -0.87
N ARG B 360 -23.76 17.23 -0.24
CA ARG B 360 -23.54 16.36 0.92
C ARG B 360 -24.45 16.75 2.09
N LEU B 361 -24.56 18.05 2.38
CA LEU B 361 -25.45 18.51 3.44
C LEU B 361 -26.89 18.02 3.23
N LYS B 362 -27.39 18.14 2.01
CA LYS B 362 -28.75 17.71 1.69
C LYS B 362 -28.92 16.20 1.94
N LYS B 363 -27.95 15.40 1.48
CA LYS B 363 -27.99 13.94 1.65
C LYS B 363 -27.96 13.57 3.13
N LEU B 364 -27.13 14.25 3.91
CA LEU B 364 -27.06 13.98 5.34
C LEU B 364 -28.34 14.36 6.07
N CYS B 365 -28.88 15.54 5.77
CA CYS B 365 -30.12 15.98 6.41
C CYS B 365 -31.29 15.05 6.11
N GLU B 366 -31.39 14.61 4.85
CA GLU B 366 -32.47 13.68 4.48
C GLU B 366 -32.31 12.33 5.16
N LEU B 367 -31.08 11.86 5.26
CA LEU B 367 -30.80 10.64 6.02
C LEU B 367 -31.20 10.80 7.48
N TYR B 368 -30.74 11.88 8.12
CA TYR B 368 -31.03 12.06 9.54
C TYR B 368 -32.53 12.22 9.80
N ALA B 369 -33.23 12.88 8.88
CA ALA B 369 -34.69 13.03 8.99
C ALA B 369 -35.35 11.65 9.02
N LYS B 370 -34.89 10.76 8.16
CA LYS B 370 -35.39 9.39 8.09
C LYS B 370 -35.12 8.65 9.40
N VAL B 371 -33.86 8.68 9.82
CA VAL B 371 -33.42 7.85 10.93
C VAL B 371 -33.98 8.36 12.27
N LEU B 372 -33.98 9.68 12.43
CA LEU B 372 -34.56 10.30 13.63
C LEU B 372 -36.08 10.45 13.56
N GLY B 373 -36.67 10.19 12.39
CA GLY B 373 -38.11 10.37 12.18
C GLY B 373 -38.52 11.79 12.51
N SER B 374 -37.76 12.76 12.01
CA SER B 374 -38.00 14.16 12.36
C SER B 374 -37.76 15.10 11.19
N LEU B 375 -38.78 15.89 10.85
CA LEU B 375 -38.65 16.87 9.78
C LEU B 375 -37.70 18.00 10.17
N GLU B 376 -37.46 18.14 11.47
CA GLU B 376 -36.54 19.18 11.96
C GLU B 376 -35.12 18.97 11.42
N ALA B 377 -34.78 17.73 11.11
CA ALA B 377 -33.46 17.40 10.54
C ALA B 377 -33.24 18.04 9.16
N LEU B 378 -34.32 18.46 8.52
CA LEU B 378 -34.24 19.06 7.20
C LEU B 378 -33.97 20.56 7.21
N GLU B 379 -33.79 21.09 8.40
CA GLU B 379 -33.68 22.53 8.59
C GLU B 379 -32.34 22.92 9.26
N PRO B 380 -31.21 22.57 8.63
CA PRO B 380 -29.92 22.88 9.27
C PRO B 380 -29.66 24.38 9.29
N VAL B 381 -28.91 24.83 10.29
CA VAL B 381 -28.57 26.26 10.39
C VAL B 381 -27.13 26.53 9.98
N HIS B 382 -26.33 25.47 9.92
CA HIS B 382 -24.93 25.59 9.56
C HIS B 382 -24.36 24.19 9.28
N TYR B 383 -23.23 24.16 8.57
CA TYR B 383 -22.58 22.89 8.20
C TYR B 383 -21.07 23.09 8.11
N GLU B 384 -20.32 22.14 8.67
CA GLU B 384 -18.86 22.09 8.51
C GLU B 384 -18.47 20.67 8.17
N GLU B 385 -17.45 20.51 7.34
CA GLU B 385 -16.95 19.20 6.97
C GLU B 385 -15.47 19.23 6.63
N LYS B 386 -14.82 18.08 6.68
CA LYS B 386 -13.43 17.97 6.26
C LYS B 386 -13.19 16.60 5.68
N ASN B 387 -12.76 16.59 4.43
CA ASN B 387 -12.37 15.36 3.76
C ASN B 387 -10.88 15.16 3.94
N TRP B 388 -10.51 14.23 4.82
CA TRP B 388 -9.10 13.99 5.13
C TRP B 388 -8.32 13.29 4.02
N CYS B 389 -9.04 12.77 3.03
CA CYS B 389 -8.38 12.10 1.90
C CYS B 389 -7.57 13.08 1.05
N GLU B 390 -7.89 14.36 1.15
CA GLU B 390 -7.25 15.34 0.28
C GLU B 390 -5.95 15.91 0.84
N GLU B 391 -5.60 15.52 2.06
CA GLU B 391 -4.48 16.11 2.79
C GLU B 391 -3.11 15.54 2.43
N GLN B 392 -2.28 16.35 1.78
CA GLN B 392 -0.95 15.92 1.36
C GLN B 392 -0.12 15.50 2.57
N TYR B 393 -0.27 16.21 3.69
CA TYR B 393 0.56 15.96 4.86
C TYR B 393 -0.08 15.11 5.97
N SER B 394 -1.21 14.46 5.64
CA SER B 394 -1.78 13.41 6.48
C SER B 394 -1.87 12.09 5.71
N GLY B 395 -2.37 12.15 4.48
CA GLY B 395 -2.56 10.96 3.66
C GLY B 395 -3.91 10.30 3.85
N GLY B 396 -4.64 10.73 4.87
CA GLY B 396 -5.95 10.17 5.22
C GLY B 396 -6.19 10.25 6.73
N CYS B 397 -7.24 9.57 7.17
CA CYS B 397 -7.57 9.50 8.61
C CYS B 397 -8.43 8.27 8.81
N TYR B 398 -8.51 7.74 10.03
CA TYR B 398 -7.83 8.27 11.23
C TYR B 398 -6.36 7.91 11.23
N THR B 399 -6.05 6.76 10.65
CA THR B 399 -4.74 6.18 10.86
C THR B 399 -4.34 5.23 9.72
N THR B 400 -3.16 4.65 9.87
CA THR B 400 -2.59 3.73 8.92
C THR B 400 -3.18 2.33 9.10
N TYR B 401 -3.60 1.72 7.99
CA TYR B 401 -4.04 0.33 8.03
C TYR B 401 -3.04 -0.56 7.28
N PHE B 402 -3.04 -1.85 7.63
CA PHE B 402 -2.11 -2.79 7.03
C PHE B 402 -2.88 -3.77 6.17
N PRO B 403 -2.62 -3.77 4.85
CA PRO B 403 -3.21 -4.78 3.97
C PRO B 403 -2.67 -6.18 4.29
N PRO B 404 -3.33 -7.23 3.73
CA PRO B 404 -2.89 -8.59 4.05
C PRO B 404 -1.41 -8.83 3.74
N GLY B 405 -0.73 -9.46 4.69
CA GLY B 405 0.65 -9.90 4.53
C GLY B 405 1.72 -8.92 4.98
N ILE B 406 1.31 -7.68 5.28
CA ILE B 406 2.28 -6.61 5.54
C ILE B 406 2.79 -6.55 6.98
N LEU B 407 1.89 -6.68 7.95
CA LEU B 407 2.25 -6.56 9.36
C LEU B 407 3.29 -7.61 9.77
N THR B 408 3.11 -8.86 9.32
CA THR B 408 4.07 -9.90 9.64
C THR B 408 5.43 -9.68 8.97
N GLN B 409 5.40 -9.22 7.72
CA GLN B 409 6.64 -9.07 6.95
C GLN B 409 7.43 -7.81 7.28
N TYR B 410 6.72 -6.74 7.63
CA TYR B 410 7.33 -5.43 7.80
C TYR B 410 7.09 -4.78 9.15
N GLY B 411 6.17 -5.34 9.93
CA GLY B 411 5.74 -4.70 11.20
C GLY B 411 6.84 -4.41 12.19
N ARG B 412 7.81 -5.30 12.28
CA ARG B 412 8.88 -5.14 13.26
C ARG B 412 9.73 -3.90 13.02
N VAL B 413 9.69 -3.37 11.81
CA VAL B 413 10.54 -2.24 11.47
C VAL B 413 9.89 -0.87 11.76
N LEU B 414 8.60 -0.88 12.11
CA LEU B 414 7.85 0.38 12.25
C LEU B 414 8.49 1.39 13.20
N ARG B 415 8.96 0.92 14.37
CA ARG B 415 9.59 1.86 15.29
C ARG B 415 11.06 1.53 15.58
N GLN B 416 11.67 0.75 14.70
CA GLN B 416 13.09 0.45 14.80
C GLN B 416 13.88 1.69 14.38
N PRO B 417 14.77 2.19 15.26
CA PRO B 417 15.57 3.35 14.88
C PRO B 417 16.42 3.11 13.62
N VAL B 418 16.61 4.16 12.85
CA VAL B 418 17.51 4.13 11.71
C VAL B 418 18.66 5.07 12.04
N ASP B 419 19.74 4.49 12.56
CA ASP B 419 20.90 5.27 13.01
C ASP B 419 20.47 6.25 14.11
N ARG B 420 20.32 7.53 13.78
CA ARG B 420 19.96 8.54 14.77
C ARG B 420 18.54 9.08 14.59
N ILE B 421 17.77 8.40 13.74
CA ILE B 421 16.36 8.72 13.56
C ILE B 421 15.53 7.76 14.40
N TYR B 422 14.69 8.32 15.27
CA TYR B 422 13.78 7.54 16.10
C TYR B 422 12.37 7.84 15.63
N PHE B 423 11.45 6.92 15.87
CA PHE B 423 10.12 7.01 15.27
C PHE B 423 9.01 7.15 16.30
N ALA B 424 8.32 8.29 16.22
CA ALA B 424 7.14 8.56 17.02
C ALA B 424 5.91 8.40 16.13
N GLY B 425 4.83 9.10 16.45
CA GLY B 425 3.60 8.99 15.67
C GLY B 425 2.69 7.90 16.21
N THR B 426 1.38 8.16 16.16
CA THR B 426 0.45 7.26 16.81
C THR B 426 0.55 5.82 16.29
N GLU B 427 0.93 5.65 15.02
CA GLU B 427 1.06 4.33 14.41
C GLU B 427 2.06 3.42 15.13
N THR B 428 2.98 4.03 15.88
CA THR B 428 4.01 3.27 16.58
C THR B 428 3.66 2.99 18.05
N ALA B 429 2.49 3.43 18.50
CA ALA B 429 2.05 3.15 19.87
C ALA B 429 1.68 1.69 20.08
N THR B 430 1.67 1.26 21.33
CA THR B 430 1.26 -0.11 21.67
C THR B 430 -0.09 -0.15 22.40
N HIS B 431 -0.61 1.03 22.74
CA HIS B 431 -1.92 1.15 23.40
C HIS B 431 -2.61 2.36 22.80
N TRP B 432 -3.80 2.14 22.26
CA TRP B 432 -4.54 3.18 21.51
C TRP B 432 -3.75 3.77 20.35
N SER B 433 -2.95 2.94 19.68
CA SER B 433 -2.38 3.33 18.40
C SER B 433 -3.54 3.71 17.49
N GLY B 434 -3.37 4.80 16.74
CA GLY B 434 -4.42 5.31 15.87
C GLY B 434 -5.12 6.54 16.45
N TYR B 435 -4.92 6.75 17.76
CA TYR B 435 -5.61 7.77 18.55
C TYR B 435 -4.65 8.85 19.04
N MET B 436 -5.21 9.93 19.57
CA MET B 436 -4.42 10.96 20.23
C MET B 436 -3.63 10.35 21.40
N GLU B 437 -4.25 9.41 22.12
CA GLU B 437 -3.56 8.70 23.20
C GLU B 437 -2.28 8.06 22.68
N GLY B 438 -2.38 7.29 21.61
CA GLY B 438 -1.23 6.64 20.99
C GLY B 438 -0.17 7.64 20.55
N ALA B 439 -0.61 8.79 20.06
CA ALA B 439 0.31 9.87 19.67
C ALA B 439 1.20 10.29 20.84
N VAL B 440 0.59 10.50 22.01
CA VAL B 440 1.35 10.88 23.21
C VAL B 440 2.30 9.75 23.63
N GLU B 441 1.79 8.52 23.72
CA GLU B 441 2.62 7.38 24.09
C GLU B 441 3.87 7.32 23.22
N ALA B 442 3.68 7.40 21.90
CA ALA B 442 4.77 7.20 20.95
C ALA B 442 5.76 8.36 20.97
N GLY B 443 5.25 9.58 21.13
CA GLY B 443 6.11 10.77 21.13
C GLY B 443 7.00 10.75 22.35
N GLU B 444 6.42 10.42 23.50
CA GLU B 444 7.19 10.39 24.74
C GLU B 444 8.18 9.22 24.78
N ARG B 445 7.77 8.06 24.27
CA ARG B 445 8.68 6.91 24.17
C ARG B 445 9.87 7.21 23.25
N ALA B 446 9.60 7.79 22.07
CA ALA B 446 10.68 8.16 21.14
C ALA B 446 11.64 9.15 21.79
N ALA B 447 11.07 10.14 22.49
CA ALA B 447 11.88 11.12 23.22
C ALA B 447 12.80 10.43 24.22
N ARG B 448 12.24 9.50 24.98
CA ARG B 448 13.02 8.78 26.01
C ARG B 448 14.03 7.80 25.42
N GLU B 449 13.77 7.27 24.23
CA GLU B 449 14.80 6.49 23.50
C GLU B 449 16.06 7.34 23.25
N ILE B 450 15.84 8.59 22.85
CA ILE B 450 16.93 9.54 22.63
C ILE B 450 17.62 9.90 23.96
N LEU B 451 16.83 10.14 25.01
CA LEU B 451 17.39 10.40 26.34
C LEU B 451 18.29 9.24 26.77
N HIS B 452 17.84 8.02 26.53
CA HIS B 452 18.66 6.85 26.83
C HIS B 452 19.93 6.80 25.96
N ALA B 453 19.79 7.08 24.66
CA ALA B 453 20.94 7.13 23.75
C ALA B 453 21.99 8.13 24.21
N MET B 454 21.54 9.21 24.85
CA MET B 454 22.44 10.23 25.38
C MET B 454 22.99 9.87 26.75
N GLY B 455 22.59 8.71 27.27
CA GLY B 455 23.03 8.25 28.58
C GLY B 455 22.41 9.00 29.75
N LYS B 456 21.30 9.69 29.48
CA LYS B 456 20.62 10.51 30.50
C LYS B 456 19.65 9.74 31.37
N ILE B 457 19.08 8.67 30.82
CA ILE B 457 18.17 7.80 31.58
C ILE B 457 18.52 6.33 31.32
N PRO B 458 18.22 5.43 32.28
CA PRO B 458 18.45 4.01 32.05
C PRO B 458 17.47 3.39 31.05
N GLU B 459 17.84 2.24 30.49
CA GLU B 459 17.01 1.54 29.51
C GLU B 459 15.59 1.28 29.98
N ASP B 460 15.43 0.94 31.26
CA ASP B 460 14.12 0.57 31.80
C ASP B 460 13.17 1.76 31.97
N GLU B 461 13.65 2.95 31.62
CA GLU B 461 12.83 4.16 31.69
C GLU B 461 12.33 4.62 30.31
N ILE B 462 12.71 3.89 29.27
CA ILE B 462 12.25 4.20 27.90
C ILE B 462 10.73 4.06 27.81
N TRP B 463 10.21 2.94 28.28
CA TRP B 463 8.78 2.71 28.33
C TRP B 463 8.27 2.99 29.74
N GLN B 464 7.27 3.84 29.85
CA GLN B 464 6.81 4.32 31.14
C GLN B 464 5.30 4.14 31.31
N SER B 465 4.91 3.53 32.43
CA SER B 465 3.49 3.38 32.77
C SER B 465 2.86 4.75 33.04
N GLU B 466 1.53 4.81 32.98
CA GLU B 466 0.80 6.05 33.21
C GLU B 466 -0.24 5.85 34.30
N PRO B 467 -0.21 6.68 35.35
CA PRO B 467 -1.24 6.60 36.38
C PRO B 467 -2.62 6.86 35.80
N GLU B 468 -3.63 6.19 36.33
CA GLU B 468 -5.00 6.37 35.86
C GLU B 468 -5.50 7.78 36.18
N SER B 469 -6.19 8.39 35.21
CA SER B 469 -6.82 9.69 35.39
C SER B 469 -7.82 9.64 36.55
N VAL B 470 -7.77 10.64 37.42
CA VAL B 470 -8.73 10.75 38.51
C VAL B 470 -10.07 11.29 38.00
N ASP B 471 -10.02 11.99 36.87
CA ASP B 471 -11.18 12.66 36.29
C ASP B 471 -11.99 11.74 35.37
N VAL B 472 -11.31 10.77 34.78
CA VAL B 472 -11.93 9.86 33.82
C VAL B 472 -11.57 8.42 34.20
N PRO B 473 -12.15 7.93 35.32
CA PRO B 473 -11.82 6.59 35.79
C PRO B 473 -12.40 5.55 34.85
N ALA B 474 -11.73 4.41 34.76
CA ALA B 474 -12.16 3.31 33.89
C ALA B 474 -12.90 2.25 34.68
N GLN B 475 -14.13 1.96 34.26
CA GLN B 475 -14.88 0.80 34.77
C GLN B 475 -14.42 -0.43 34.00
N PRO B 476 -14.28 -1.58 34.70
CA PRO B 476 -13.81 -2.78 33.98
C PRO B 476 -14.83 -3.27 32.95
N ILE B 477 -14.36 -3.99 31.95
CA ILE B 477 -15.23 -4.60 30.95
C ILE B 477 -15.64 -5.97 31.47
N THR B 478 -16.95 -6.17 31.58
CA THR B 478 -17.51 -7.41 32.13
C THR B 478 -18.29 -8.20 31.08
N THR B 479 -18.37 -9.51 31.29
CA THR B 479 -19.20 -10.40 30.47
C THR B 479 -20.09 -11.23 31.38
N THR B 480 -21.27 -11.59 30.87
CA THR B 480 -22.18 -12.45 31.63
C THR B 480 -21.84 -13.92 31.38
N PHE B 481 -22.35 -14.79 32.24
CA PHE B 481 -22.14 -16.24 32.11
C PHE B 481 -22.61 -16.74 30.74
N LEU B 482 -23.79 -16.31 30.32
CA LEU B 482 -24.35 -16.71 29.03
C LEU B 482 -23.54 -16.20 27.85
N GLU B 483 -23.07 -14.95 27.93
CA GLU B 483 -22.21 -14.38 26.89
C GLU B 483 -20.94 -15.21 26.70
N ARG B 484 -20.36 -15.67 27.82
CA ARG B 484 -19.15 -16.48 27.80
C ARG B 484 -19.37 -17.87 27.22
N HIS B 485 -20.51 -18.49 27.53
CA HIS B 485 -20.68 -19.92 27.29
C HIS B 485 -21.72 -20.36 26.25
N LEU B 486 -22.57 -19.42 25.81
CA LEU B 486 -23.51 -19.74 24.74
C LEU B 486 -22.77 -20.17 23.47
N PRO B 487 -23.26 -21.23 22.81
CA PRO B 487 -22.55 -21.75 21.64
C PRO B 487 -22.66 -20.84 20.41
N SER B 488 -21.70 -20.97 19.50
CA SER B 488 -21.80 -20.37 18.19
C SER B 488 -22.87 -21.11 17.39
N VAL B 489 -23.21 -20.61 16.21
CA VAL B 489 -24.14 -21.31 15.32
C VAL B 489 -23.63 -22.71 14.94
N PRO B 490 -22.39 -22.84 14.43
CA PRO B 490 -21.88 -24.19 14.18
C PRO B 490 -21.76 -25.04 15.45
N GLY B 491 -21.48 -24.39 16.58
CA GLY B 491 -21.41 -25.06 17.87
C GLY B 491 -22.74 -25.69 18.26
N LEU B 492 -23.82 -24.94 18.03
CA LEU B 492 -25.18 -25.44 18.28
C LEU B 492 -25.52 -26.59 17.33
N LEU B 493 -25.06 -26.48 16.08
CA LEU B 493 -25.29 -27.52 15.07
C LEU B 493 -24.57 -28.83 15.40
N ARG B 494 -23.41 -28.72 16.05
CA ARG B 494 -22.68 -29.90 16.56
C ARG B 494 -23.49 -30.61 17.63
N LEU B 495 -23.99 -29.84 18.60
CA LEU B 495 -24.81 -30.36 19.69
C LEU B 495 -26.10 -31.02 19.19
N ILE B 496 -26.63 -30.50 18.07
CA ILE B 496 -27.78 -31.12 17.40
C ILE B 496 -27.31 -32.33 16.60
#